data_9KQH
#
_entry.id   9KQH
#
_cell.length_a   97.857
_cell.length_b   123.534
_cell.length_c   84.472
_cell.angle_alpha   90.000
_cell.angle_beta   90.000
_cell.angle_gamma   90.000
#
_symmetry.space_group_name_H-M   'P 21 21 2'
#
loop_
_entity.id
_entity.type
_entity.pdbx_description
1 polymer "DNA 5'-3' helicase"
2 polymer "DNA (5'-D(*TP*TP*TP*TP*TP*TP*TP*TP*TP*TP*T)-3')"
3 non-polymer 'PHOSPHOAMINOPHOSPHONIC ACID-ADENYLATE ESTER'
4 non-polymer 'IRON/SULFUR CLUSTER'
5 water water
#
loop_
_entity_poly.entity_id
_entity_poly.type
_entity_poly.pdbx_seq_one_letter_code
_entity_poly.pdbx_strand_id
1 'polypeptide(L)'
;MKKEIKLSVRDLVEYTERSGDIDDRFRNVFDRAKEGQKIHKMIQKEYDIGFLPEVTLKNTTLYKSVNYIVEGRAAGIGIK
NGKTLIDEIKSTTRDLEELEYNSNKYHWAQVKCYGYFYTLDNDLEDIDLQLTYYQTDTKKIKFIRQNFTFEELKEFYFSL
LEKYSVFTELITQHIKKRDESIQNLSFPYPAFRAGQKYLSQNVYSATKQGVDLMVEAATGIGKTISTLFPSIKAMGEDLT
DKIFYLTAKSTLKKACNDQLYLMKQKGLIIKSVEIIAKNKVCINNEVKCNPNDCEFAKGHYDRVNKCILDMLENGDIIVE
EIIKKYAFKYRVCPLELELDLSNFCDIVICDYNYVFDPVVYLKRFFEVPYLRMSLLVDEAHNLVSRGRDMYSYSLSFNQL
MDCCDELVDEKKELKIKRNLKKIAQQIKDEALGKPVNTYEDLSVDLIDYCVRCKESMTKFLVEEKDKPYYDKVLDVYFEI
NKFLKISDFYDDSFVTLIKSENDDVIYNIMCLNTHNIFKNLLKKCKSNVFFSATLSPMTYFADVLGLEKFYNIRLESPFP
KENLKVNHINISTRFKDREDTKYKIAEILRKINEKPGNKLIFFPSYSYLESVYEICDFDILTQERTLTDMERLEFLSQFT
TSSNIMAFCVLGGVFSEGVDLSGDRLNTVGIISVGLPGISVENDLIKKYFDENGKNGFDYAYVYPGMNKVHQAGGRLIRT
DTDTGELFLIDDRFDSYPYKSLLPNSWK
;
A
2 'polydeoxyribonucleotide' (DT)(DT)(DT)(DT)(DT)(DT)(DT)(DT)(DT)(DT)(DT)(DT) B
#
# COMPACT_ATOMS: atom_id res chain seq x y z
N LYS A 2 22.96 -28.45 -5.08
CA LYS A 2 23.43 -27.14 -4.57
C LYS A 2 22.98 -26.07 -5.56
N LYS A 3 22.56 -26.49 -6.75
CA LYS A 3 21.99 -25.52 -7.72
C LYS A 3 20.47 -25.69 -7.64
N GLU A 4 19.79 -24.75 -7.00
CA GLU A 4 18.33 -24.90 -6.79
C GLU A 4 17.62 -23.57 -7.05
N ILE A 5 16.49 -23.62 -7.75
CA ILE A 5 15.68 -22.39 -7.97
C ILE A 5 14.22 -22.76 -7.63
N LYS A 6 13.63 -22.04 -6.68
CA LYS A 6 12.22 -22.29 -6.31
C LYS A 6 11.34 -21.35 -7.15
N LEU A 7 10.28 -21.87 -7.76
CA LEU A 7 9.47 -21.03 -8.67
C LEU A 7 8.01 -21.49 -8.68
N SER A 8 7.09 -20.57 -8.97
CA SER A 8 5.67 -20.96 -9.14
C SER A 8 5.49 -21.25 -10.63
N VAL A 9 4.50 -22.06 -10.98
CA VAL A 9 4.22 -22.29 -12.44
C VAL A 9 3.88 -20.94 -13.08
N ARG A 10 3.10 -20.10 -12.39
CA ARG A 10 2.66 -18.82 -12.97
C ARG A 10 3.89 -17.93 -13.30
N ASP A 11 4.91 -17.95 -12.45
CA ASP A 11 6.10 -17.08 -12.68
C ASP A 11 6.93 -17.66 -13.83
N LEU A 12 7.05 -18.98 -13.90
CA LEU A 12 7.78 -19.63 -15.02
C LEU A 12 7.12 -19.25 -16.36
N VAL A 13 5.80 -19.38 -16.44
CA VAL A 13 5.09 -19.13 -17.73
C VAL A 13 5.14 -17.63 -18.05
N GLU A 14 5.08 -16.76 -17.04
CA GLU A 14 5.06 -15.30 -17.27
C GLU A 14 6.32 -14.85 -18.04
N TYR A 15 7.47 -15.45 -17.75
CA TYR A 15 8.74 -14.98 -18.36
C TYR A 15 9.10 -15.83 -19.59
N THR A 16 8.42 -16.95 -19.79
CA THR A 16 8.79 -17.87 -20.90
C THR A 16 7.80 -17.74 -22.03
N GLU A 17 6.59 -17.26 -21.75
CA GLU A 17 5.55 -17.20 -22.80
C GLU A 17 5.23 -15.75 -23.18
N ARG A 18 5.90 -14.79 -22.53
CA ARG A 18 5.60 -13.37 -22.79
C ARG A 18 5.92 -13.02 -24.25
N SER A 19 5.04 -12.28 -24.90
CA SER A 19 5.27 -11.86 -26.31
C SER A 19 4.28 -10.75 -26.68
N GLY A 20 4.67 -9.89 -27.62
CA GLY A 20 3.71 -8.89 -28.13
C GLY A 20 3.64 -7.59 -27.38
N ASP A 21 2.44 -7.02 -27.29
CA ASP A 21 2.28 -5.67 -26.69
C ASP A 21 1.52 -5.73 -25.37
N ILE A 22 1.46 -4.58 -24.70
CA ILE A 22 0.84 -4.51 -23.35
C ILE A 22 -0.68 -4.57 -23.46
N ASP A 23 -1.23 -3.94 -24.48
CA ASP A 23 -2.72 -3.86 -24.62
C ASP A 23 -3.31 -5.21 -25.02
N ASP A 24 -2.49 -6.10 -25.57
CA ASP A 24 -2.99 -7.43 -26.02
C ASP A 24 -3.22 -8.30 -24.78
N ARG A 25 -2.43 -8.07 -23.73
CA ARG A 25 -2.64 -8.79 -22.45
C ARG A 25 -3.77 -8.09 -21.70
N PHE A 26 -4.75 -8.84 -21.22
CA PHE A 26 -5.92 -8.19 -20.56
C PHE A 26 -5.73 -8.26 -19.05
N ARG A 27 -5.84 -7.10 -18.39
CA ARG A 27 -5.69 -7.05 -16.91
C ARG A 27 -6.91 -6.35 -16.30
N ASN A 28 -7.71 -7.05 -15.50
CA ASN A 28 -8.84 -6.38 -14.79
C ASN A 28 -8.45 -6.20 -13.32
N VAL A 29 -7.95 -5.01 -12.97
CA VAL A 29 -7.54 -4.72 -11.56
C VAL A 29 -8.78 -4.28 -10.75
N PHE A 30 -9.94 -4.17 -11.42
CA PHE A 30 -11.19 -3.74 -10.72
C PHE A 30 -12.15 -4.93 -10.66
N ASP A 31 -11.62 -6.14 -10.83
CA ASP A 31 -12.47 -7.36 -10.78
C ASP A 31 -12.98 -7.57 -9.36
N ARG A 32 -14.29 -7.80 -9.20
CA ARG A 32 -14.83 -8.11 -7.85
C ARG A 32 -14.52 -9.59 -7.55
N ALA A 33 -13.46 -9.83 -6.77
CA ALA A 33 -12.99 -11.20 -6.47
C ALA A 33 -14.03 -12.04 -5.71
N LYS A 34 -14.63 -11.49 -4.66
CA LYS A 34 -15.56 -12.32 -3.85
C LYS A 34 -16.66 -12.86 -4.78
N GLU A 35 -17.21 -12.00 -5.64
CA GLU A 35 -18.26 -12.46 -6.59
C GLU A 35 -17.70 -13.59 -7.45
N GLY A 36 -16.50 -13.41 -8.00
CA GLY A 36 -15.88 -14.45 -8.84
C GLY A 36 -15.70 -15.74 -8.07
N GLN A 37 -15.28 -15.65 -6.81
CA GLN A 37 -15.04 -16.86 -5.98
C GLN A 37 -16.37 -17.59 -5.79
N LYS A 38 -17.47 -16.85 -5.72
CA LYS A 38 -18.80 -17.50 -5.62
C LYS A 38 -19.01 -18.35 -6.87
N ILE A 39 -18.72 -17.80 -8.05
CA ILE A 39 -18.87 -18.57 -9.32
C ILE A 39 -17.89 -19.76 -9.26
N HIS A 40 -16.67 -19.52 -8.81
CA HIS A 40 -15.64 -20.59 -8.74
C HIS A 40 -16.17 -21.75 -7.90
N LYS A 41 -16.77 -21.42 -6.75
CA LYS A 41 -17.28 -22.48 -5.83
C LYS A 41 -18.45 -23.22 -6.50
N MET A 42 -19.33 -22.50 -7.19
CA MET A 42 -20.53 -23.15 -7.79
C MET A 42 -20.05 -24.17 -8.84
N ILE A 43 -19.02 -23.83 -9.60
CA ILE A 43 -18.47 -24.75 -10.64
C ILE A 43 -17.93 -26.00 -9.92
N GLN A 44 -17.24 -25.81 -8.81
CA GLN A 44 -16.61 -26.96 -8.10
C GLN A 44 -17.67 -27.80 -7.37
N LYS A 45 -18.84 -27.22 -7.10
CA LYS A 45 -19.94 -28.00 -6.45
C LYS A 45 -20.52 -28.97 -7.49
N GLU A 46 -20.37 -28.67 -8.77
CA GLU A 46 -20.89 -29.54 -9.86
C GLU A 46 -19.90 -30.69 -10.12
N TYR A 47 -18.88 -30.83 -9.27
CA TYR A 47 -17.88 -31.91 -9.45
C TYR A 47 -18.40 -33.18 -8.80
N ASP A 48 -17.56 -34.22 -8.78
CA ASP A 48 -17.93 -35.49 -8.09
C ASP A 48 -17.06 -35.62 -6.83
N ILE A 49 -17.38 -36.58 -5.97
CA ILE A 49 -16.53 -36.83 -4.76
C ILE A 49 -15.15 -37.27 -5.23
N GLY A 50 -15.07 -37.85 -6.43
CA GLY A 50 -13.77 -38.26 -6.99
C GLY A 50 -12.94 -37.06 -7.44
N PHE A 51 -13.60 -36.06 -8.05
CA PHE A 51 -12.87 -34.87 -8.55
C PHE A 51 -12.47 -34.01 -7.35
N LEU A 52 -11.22 -34.18 -6.91
CA LEU A 52 -10.74 -33.46 -5.71
C LEU A 52 -10.41 -32.00 -6.08
N PRO A 53 -10.82 -31.01 -5.27
CA PRO A 53 -10.60 -29.61 -5.63
C PRO A 53 -9.33 -28.99 -5.06
N GLU A 54 -8.93 -27.84 -5.61
CA GLU A 54 -7.76 -27.09 -5.09
C GLU A 54 -6.62 -28.07 -4.78
N VAL A 55 -6.09 -28.73 -5.81
CA VAL A 55 -5.01 -29.74 -5.61
C VAL A 55 -3.64 -29.11 -5.86
N THR A 56 -2.74 -29.19 -4.88
CA THR A 56 -1.38 -28.65 -5.05
C THR A 56 -0.52 -29.64 -5.79
N LEU A 57 0.14 -29.20 -6.86
CA LEU A 57 1.02 -30.08 -7.66
C LEU A 57 2.46 -29.58 -7.54
N LYS A 58 3.41 -30.48 -7.33
CA LYS A 58 4.81 -30.06 -7.12
C LYS A 58 5.73 -30.92 -8.00
N ASN A 59 6.90 -30.39 -8.37
CA ASN A 59 7.85 -31.15 -9.22
C ASN A 59 9.26 -30.61 -9.04
N THR A 60 10.26 -31.50 -9.03
CA THR A 60 11.67 -31.07 -8.99
C THR A 60 12.34 -31.70 -10.19
N THR A 61 12.85 -30.88 -11.12
CA THR A 61 13.45 -31.41 -12.35
C THR A 61 14.87 -30.91 -12.47
N LEU A 62 15.81 -31.81 -12.72
CA LEU A 62 17.23 -31.43 -12.89
C LEU A 62 17.45 -31.02 -14.35
N TYR A 63 17.77 -29.75 -14.59
CA TYR A 63 18.01 -29.26 -15.97
C TYR A 63 19.21 -28.31 -15.93
N LYS A 64 20.21 -28.56 -16.78
CA LYS A 64 21.42 -27.69 -16.82
C LYS A 64 22.11 -27.74 -15.45
N SER A 65 22.06 -28.89 -14.79
CA SER A 65 22.71 -29.05 -13.46
C SER A 65 21.97 -28.21 -12.41
N VAL A 66 20.77 -27.73 -12.74
CA VAL A 66 19.99 -26.89 -11.78
C VAL A 66 18.71 -27.65 -11.41
N ASN A 67 18.36 -27.65 -10.12
CA ASN A 67 17.13 -28.30 -9.65
C ASN A 67 15.99 -27.26 -9.67
N TYR A 68 15.04 -27.43 -10.58
CA TYR A 68 13.88 -26.50 -10.67
C TYR A 68 12.77 -27.04 -9.78
N ILE A 69 12.63 -26.46 -8.59
CA ILE A 69 11.55 -26.89 -7.65
C ILE A 69 10.33 -26.03 -7.98
N VAL A 70 9.36 -26.58 -8.70
CA VAL A 70 8.20 -25.78 -9.17
C VAL A 70 6.91 -26.24 -8.50
N GLU A 71 6.04 -25.30 -8.13
CA GLU A 71 4.77 -25.64 -7.44
C GLU A 71 3.60 -24.87 -8.09
N GLY A 72 2.43 -25.51 -8.13
CA GLY A 72 1.23 -24.85 -8.68
C GLY A 72 0.00 -25.39 -7.97
N ARG A 73 -1.17 -24.87 -8.29
CA ARG A 73 -2.42 -25.39 -7.69
C ARG A 73 -3.52 -25.51 -8.76
N ALA A 74 -4.01 -26.73 -8.98
CA ALA A 74 -5.10 -26.95 -9.96
C ALA A 74 -6.44 -26.79 -9.24
N ALA A 75 -7.42 -26.22 -9.93
CA ALA A 75 -8.76 -26.00 -9.32
C ALA A 75 -9.50 -27.32 -9.19
N GLY A 76 -9.11 -28.34 -9.94
CA GLY A 76 -9.73 -29.66 -9.80
C GLY A 76 -8.99 -30.76 -10.52
N ILE A 77 -8.92 -31.95 -9.92
CA ILE A 77 -8.27 -33.12 -10.58
C ILE A 77 -9.11 -34.38 -10.30
N GLY A 78 -9.27 -35.25 -11.30
CA GLY A 78 -10.01 -36.50 -11.10
C GLY A 78 -10.26 -37.24 -12.39
N ILE A 79 -10.89 -38.41 -12.31
CA ILE A 79 -11.20 -39.21 -13.54
C ILE A 79 -12.56 -38.75 -14.07
N LYS A 80 -12.65 -38.46 -15.36
CA LYS A 80 -13.94 -38.07 -15.98
C LYS A 80 -14.06 -38.76 -17.35
N ASN A 81 -15.10 -39.55 -17.55
CA ASN A 81 -15.30 -40.29 -18.82
C ASN A 81 -14.14 -41.26 -19.03
N GLY A 82 -13.59 -41.79 -17.93
CA GLY A 82 -12.52 -42.80 -18.04
C GLY A 82 -11.14 -42.18 -18.16
N LYS A 83 -11.07 -40.89 -18.47
CA LYS A 83 -9.76 -40.19 -18.61
C LYS A 83 -9.56 -39.25 -17.42
N THR A 84 -8.34 -39.19 -16.89
CA THR A 84 -8.06 -38.22 -15.81
C THR A 84 -8.19 -36.82 -16.37
N LEU A 85 -8.83 -35.92 -15.62
CA LEU A 85 -9.05 -34.53 -16.11
C LEU A 85 -8.47 -33.52 -15.11
N ILE A 86 -7.77 -32.51 -15.60
CA ILE A 86 -7.27 -31.42 -14.71
C ILE A 86 -8.03 -30.15 -15.12
N ASP A 87 -8.81 -29.57 -14.20
CA ASP A 87 -9.62 -28.38 -14.53
C ASP A 87 -9.03 -27.12 -13.89
N GLU A 88 -8.93 -26.04 -14.66
CA GLU A 88 -8.45 -24.75 -14.12
C GLU A 88 -9.53 -23.70 -14.40
N ILE A 89 -9.90 -22.91 -13.37
CA ILE A 89 -11.00 -21.93 -13.53
C ILE A 89 -10.41 -20.51 -13.58
N LYS A 90 -10.82 -19.71 -14.56
CA LYS A 90 -10.25 -18.35 -14.73
C LYS A 90 -11.36 -17.34 -15.02
N SER A 91 -11.23 -16.13 -14.47
CA SER A 91 -12.21 -15.05 -14.77
C SER A 91 -11.78 -14.31 -16.03
N THR A 92 -12.75 -13.85 -16.84
CA THR A 92 -12.39 -13.21 -18.12
C THR A 92 -13.26 -12.01 -18.39
N THR A 93 -12.73 -11.02 -19.09
CA THR A 93 -13.51 -9.84 -19.48
C THR A 93 -13.72 -9.93 -20.97
N ARG A 94 -13.05 -10.90 -21.60
CA ARG A 94 -13.15 -11.08 -23.07
C ARG A 94 -14.48 -11.78 -23.41
N ASP A 95 -14.92 -11.67 -24.66
CA ASP A 95 -16.16 -12.37 -25.09
C ASP A 95 -15.87 -13.87 -25.15
N LEU A 96 -16.85 -14.69 -24.77
CA LEU A 96 -16.62 -16.15 -24.72
C LEU A 96 -16.22 -16.67 -26.11
N GLU A 97 -16.80 -16.10 -27.16
CA GLU A 97 -16.51 -16.58 -28.54
C GLU A 97 -15.03 -16.33 -28.87
N GLU A 98 -14.39 -15.40 -28.17
CA GLU A 98 -12.96 -15.08 -28.43
C GLU A 98 -12.06 -16.06 -27.67
N LEU A 99 -12.64 -17.02 -26.95
CA LEU A 99 -11.83 -17.96 -26.12
C LEU A 99 -11.72 -19.31 -26.83
N GLU A 100 -10.50 -19.82 -27.01
CA GLU A 100 -10.32 -21.07 -27.79
C GLU A 100 -9.09 -21.84 -27.27
N TYR A 101 -8.60 -22.82 -28.02
CA TYR A 101 -7.48 -23.68 -27.53
C TYR A 101 -6.33 -22.84 -26.99
N ASN A 102 -5.65 -22.04 -27.81
CA ASN A 102 -4.45 -21.34 -27.26
C ASN A 102 -4.69 -19.82 -27.23
N SER A 103 -5.95 -19.39 -27.15
CA SER A 103 -6.26 -17.95 -27.10
C SER A 103 -5.36 -17.29 -26.04
N ASN A 104 -5.27 -17.87 -24.84
CA ASN A 104 -4.34 -17.35 -23.80
C ASN A 104 -3.20 -18.35 -23.65
N LYS A 105 -2.00 -17.97 -24.08
CA LYS A 105 -0.83 -18.88 -24.00
C LYS A 105 -0.45 -19.12 -22.54
N TYR A 106 -0.52 -18.07 -21.71
CA TYR A 106 -0.12 -18.21 -20.29
C TYR A 106 -1.00 -19.26 -19.62
N HIS A 107 -2.31 -19.19 -19.85
CA HIS A 107 -3.25 -20.12 -19.19
C HIS A 107 -2.96 -21.56 -19.61
N TRP A 108 -2.75 -21.80 -20.90
CA TRP A 108 -2.54 -23.19 -21.37
C TRP A 108 -1.15 -23.71 -21.00
N ALA A 109 -0.15 -22.83 -20.93
CA ALA A 109 1.20 -23.27 -20.46
C ALA A 109 1.09 -23.75 -19.01
N GLN A 110 0.30 -23.05 -18.20
CA GLN A 110 0.13 -23.43 -16.77
C GLN A 110 -0.53 -24.81 -16.64
N VAL A 111 -1.63 -25.05 -17.37
CA VAL A 111 -2.38 -26.33 -17.22
C VAL A 111 -1.54 -27.48 -17.80
N LYS A 112 -0.70 -27.19 -18.80
CA LYS A 112 0.18 -28.22 -19.39
C LYS A 112 1.26 -28.62 -18.37
N CYS A 113 1.73 -27.65 -17.58
CA CYS A 113 2.74 -27.94 -16.53
C CYS A 113 2.09 -28.87 -15.49
N TYR A 114 0.85 -28.57 -15.10
CA TYR A 114 0.12 -29.41 -14.12
C TYR A 114 -0.01 -30.82 -14.68
N GLY A 115 -0.32 -30.92 -15.98
CA GLY A 115 -0.49 -32.23 -16.63
C GLY A 115 0.79 -33.05 -16.56
N TYR A 116 1.91 -32.44 -16.92
CA TYR A 116 3.22 -33.15 -16.88
C TYR A 116 3.47 -33.65 -15.46
N PHE A 117 3.13 -32.84 -14.46
CA PHE A 117 3.36 -33.23 -13.04
C PHE A 117 2.50 -34.44 -12.70
N TYR A 118 1.21 -34.38 -13.03
CA TYR A 118 0.27 -35.48 -12.65
C TYR A 118 0.59 -36.75 -13.47
N THR A 119 0.86 -36.59 -14.77
CA THR A 119 1.14 -37.75 -15.63
C THR A 119 2.37 -38.46 -15.14
N LEU A 120 3.41 -37.72 -14.74
CA LEU A 120 4.69 -38.33 -14.30
C LEU A 120 4.49 -39.08 -12.97
N ASP A 121 3.72 -38.51 -12.05
CA ASP A 121 3.60 -39.13 -10.70
C ASP A 121 2.55 -40.25 -10.69
N ASN A 122 1.73 -40.37 -11.73
CA ASN A 122 0.63 -41.37 -11.70
C ASN A 122 0.78 -42.36 -12.87
N ASP A 123 1.95 -42.38 -13.50
CA ASP A 123 2.22 -43.33 -14.62
C ASP A 123 1.12 -43.19 -15.69
N LEU A 124 0.57 -41.99 -15.86
CA LEU A 124 -0.43 -41.77 -16.93
C LEU A 124 0.31 -41.55 -18.26
N GLU A 125 -0.28 -41.95 -19.37
CA GLU A 125 0.33 -41.73 -20.70
C GLU A 125 -0.42 -40.59 -21.39
N ASP A 126 -1.64 -40.32 -20.92
CA ASP A 126 -2.48 -39.28 -21.57
C ASP A 126 -3.29 -38.55 -20.49
N ILE A 127 -3.63 -37.30 -20.75
CA ILE A 127 -4.41 -36.50 -19.77
C ILE A 127 -5.29 -35.51 -20.53
N ASP A 128 -6.46 -35.20 -19.97
CA ASP A 128 -7.33 -34.17 -20.57
C ASP A 128 -7.15 -32.89 -19.76
N LEU A 129 -6.79 -31.79 -20.42
CA LEU A 129 -6.57 -30.50 -19.73
C LEU A 129 -7.70 -29.54 -20.11
N GLN A 130 -8.29 -28.85 -19.14
CA GLN A 130 -9.48 -28.01 -19.45
C GLN A 130 -9.37 -26.61 -18.83
N LEU A 131 -9.89 -25.61 -19.54
CA LEU A 131 -9.95 -24.23 -19.00
C LEU A 131 -11.40 -23.79 -18.90
N THR A 132 -11.92 -23.61 -17.68
CA THR A 132 -13.31 -23.15 -17.47
C THR A 132 -13.29 -21.64 -17.28
N TYR A 133 -13.80 -20.90 -18.26
CA TYR A 133 -13.76 -19.41 -18.19
C TYR A 133 -15.12 -18.87 -17.75
N TYR A 134 -15.11 -17.82 -16.95
CA TYR A 134 -16.38 -17.21 -16.48
C TYR A 134 -16.26 -15.68 -16.43
N GLN A 135 -17.38 -14.97 -16.58
CA GLN A 135 -17.40 -13.49 -16.45
C GLN A 135 -18.12 -13.17 -15.14
N THR A 136 -17.46 -12.52 -14.17
CA THR A 136 -18.07 -12.30 -12.84
C THR A 136 -19.35 -11.51 -12.94
N ASP A 137 -19.47 -10.61 -13.92
CA ASP A 137 -20.67 -9.72 -13.97
C ASP A 137 -21.83 -10.36 -14.73
N THR A 138 -21.62 -11.51 -15.38
CA THR A 138 -22.69 -12.12 -16.20
C THR A 138 -22.88 -13.57 -15.80
N LYS A 139 -21.88 -14.16 -15.14
CA LYS A 139 -21.94 -15.58 -14.71
C LYS A 139 -22.03 -16.51 -15.95
N LYS A 140 -21.58 -16.04 -17.12
CA LYS A 140 -21.56 -16.91 -18.33
C LYS A 140 -20.28 -17.77 -18.28
N ILE A 141 -20.39 -19.06 -18.63
CA ILE A 141 -19.22 -19.98 -18.50
C ILE A 141 -18.97 -20.72 -19.81
N LYS A 142 -17.70 -20.87 -20.19
CA LYS A 142 -17.32 -21.65 -21.41
C LYS A 142 -16.23 -22.66 -21.03
N PHE A 143 -16.22 -23.82 -21.68
CA PHE A 143 -15.24 -24.89 -21.36
C PHE A 143 -14.44 -25.24 -22.59
N ILE A 144 -13.11 -25.39 -22.46
CA ILE A 144 -12.28 -25.85 -23.61
C ILE A 144 -11.47 -27.06 -23.12
N ARG A 145 -11.76 -28.25 -23.64
CA ARG A 145 -11.07 -29.49 -23.19
C ARG A 145 -10.23 -30.08 -24.33
N GLN A 146 -8.97 -30.41 -24.06
CA GLN A 146 -8.07 -30.98 -25.09
C GLN A 146 -7.30 -32.17 -24.48
N ASN A 147 -6.85 -33.10 -25.32
CA ASN A 147 -6.09 -34.28 -24.82
C ASN A 147 -4.60 -34.05 -25.09
N PHE A 148 -3.74 -34.53 -24.20
CA PHE A 148 -2.28 -34.34 -24.36
C PHE A 148 -1.54 -35.62 -23.97
N THR A 149 -0.43 -35.90 -24.66
CA THR A 149 0.36 -37.11 -24.35
C THR A 149 1.49 -36.75 -23.40
N PHE A 150 1.93 -37.71 -22.59
CA PHE A 150 3.02 -37.46 -21.60
C PHE A 150 4.23 -36.91 -22.32
N GLU A 151 4.61 -37.52 -23.44
CA GLU A 151 5.83 -37.10 -24.17
C GLU A 151 5.68 -35.63 -24.59
N GLU A 152 4.51 -35.27 -25.12
CA GLU A 152 4.28 -33.87 -25.56
C GLU A 152 4.42 -32.92 -24.36
N LEU A 153 3.77 -33.25 -23.23
CA LEU A 153 3.82 -32.39 -22.03
C LEU A 153 5.27 -32.27 -21.54
N LYS A 154 6.00 -33.38 -21.52
CA LYS A 154 7.41 -33.36 -21.07
C LYS A 154 8.20 -32.40 -21.97
N GLU A 155 8.00 -32.52 -23.28
CA GLU A 155 8.77 -31.67 -24.23
C GLU A 155 8.41 -30.19 -23.98
N PHE A 156 7.13 -29.90 -23.76
CA PHE A 156 6.69 -28.50 -23.48
C PHE A 156 7.32 -27.99 -22.18
N TYR A 157 7.28 -28.80 -21.12
CA TYR A 157 7.80 -28.33 -19.81
C TYR A 157 9.29 -28.03 -19.91
N PHE A 158 10.03 -28.94 -20.54
CA PHE A 158 11.50 -28.77 -20.65
C PHE A 158 11.79 -27.56 -21.55
N SER A 159 10.88 -27.27 -22.50
CA SER A 159 11.05 -26.07 -23.36
C SER A 159 10.99 -24.81 -22.47
N LEU A 160 10.01 -24.75 -21.56
CA LEU A 160 9.84 -23.56 -20.70
C LEU A 160 11.08 -23.41 -19.81
N LEU A 161 11.61 -24.53 -19.31
CA LEU A 161 12.81 -24.49 -18.43
C LEU A 161 13.99 -23.91 -19.23
N GLU A 162 14.12 -24.31 -20.50
CA GLU A 162 15.23 -23.81 -21.35
C GLU A 162 15.07 -22.30 -21.54
N LYS A 163 13.83 -21.84 -21.71
CA LYS A 163 13.57 -20.38 -21.91
C LYS A 163 13.89 -19.61 -20.61
N TYR A 164 13.70 -20.23 -19.45
CA TYR A 164 13.94 -19.53 -18.16
C TYR A 164 15.41 -19.68 -17.76
N SER A 165 16.12 -20.65 -18.35
CA SER A 165 17.51 -20.93 -17.94
C SER A 165 18.36 -19.64 -17.94
N VAL A 166 18.09 -18.72 -18.87
CA VAL A 166 18.87 -17.44 -18.96
C VAL A 166 18.80 -16.72 -17.60
N PHE A 167 17.62 -16.68 -16.99
CA PHE A 167 17.45 -16.01 -15.68
C PHE A 167 17.97 -16.90 -14.56
N THR A 168 17.68 -18.20 -14.61
CA THR A 168 18.03 -19.10 -13.49
C THR A 168 19.47 -18.91 -13.10
N GLU A 169 20.34 -18.92 -14.09
CA GLU A 169 21.78 -18.84 -13.77
C GLU A 169 22.04 -17.55 -12.98
N LEU A 170 21.75 -16.38 -13.55
CA LEU A 170 22.09 -15.10 -12.88
C LEU A 170 21.54 -15.11 -11.45
N ILE A 171 20.32 -15.61 -11.28
CA ILE A 171 19.70 -15.68 -9.92
C ILE A 171 20.56 -16.58 -9.03
N THR A 172 20.96 -17.76 -9.53
CA THR A 172 21.71 -18.73 -8.69
C THR A 172 23.01 -18.12 -8.23
N GLN A 173 23.78 -17.52 -9.14
CA GLN A 173 25.09 -16.92 -8.79
C GLN A 173 24.88 -15.78 -7.79
N HIS A 174 23.85 -14.95 -7.99
CA HIS A 174 23.61 -13.81 -7.09
C HIS A 174 23.32 -14.32 -5.67
N ILE A 175 22.51 -15.38 -5.55
CA ILE A 175 22.13 -15.88 -4.20
C ILE A 175 23.40 -16.32 -3.46
N LYS A 176 24.30 -17.02 -4.15
CA LYS A 176 25.57 -17.49 -3.52
C LYS A 176 26.37 -16.27 -3.04
N LYS A 177 26.61 -15.31 -3.93
CA LYS A 177 27.44 -14.14 -3.57
C LYS A 177 26.71 -13.29 -2.51
N ARG A 178 25.39 -13.18 -2.61
CA ARG A 178 24.61 -12.37 -1.65
C ARG A 178 24.76 -12.96 -0.24
N ASP A 179 24.48 -14.24 -0.09
CA ASP A 179 24.51 -14.87 1.26
C ASP A 179 25.94 -14.76 1.83
N GLU A 180 26.95 -14.95 0.99
CA GLU A 180 28.37 -14.85 1.45
C GLU A 180 28.61 -13.43 1.99
N SER A 181 28.20 -12.42 1.23
CA SER A 181 28.40 -11.01 1.64
C SER A 181 27.69 -10.75 2.97
N ILE A 182 26.46 -11.22 3.11
CA ILE A 182 25.64 -10.95 4.33
C ILE A 182 26.25 -11.67 5.54
N GLN A 183 26.73 -12.90 5.35
CA GLN A 183 27.31 -13.70 6.45
C GLN A 183 28.60 -13.03 6.94
N ASN A 184 29.32 -12.36 6.04
CA ASN A 184 30.60 -11.68 6.41
C ASN A 184 30.36 -10.20 6.65
N LEU A 185 29.10 -9.77 6.63
CA LEU A 185 28.77 -8.33 6.81
C LEU A 185 28.69 -8.00 8.30
N SER A 186 29.31 -6.89 8.71
CA SER A 186 29.26 -6.43 10.12
C SER A 186 28.46 -5.12 10.20
N PHE A 187 27.90 -4.80 11.37
CA PHE A 187 27.15 -3.53 11.54
C PHE A 187 27.97 -2.41 10.88
N PRO A 188 27.39 -1.69 9.89
CA PRO A 188 28.14 -0.68 9.14
C PRO A 188 28.55 0.59 9.87
N TYR A 189 28.32 0.65 11.19
CA TYR A 189 28.73 1.85 11.98
C TYR A 189 29.73 1.41 13.06
N PRO A 190 30.60 2.31 13.53
CA PRO A 190 31.61 1.96 14.52
C PRO A 190 31.07 1.08 15.63
N ALA A 191 29.98 1.51 16.25
CA ALA A 191 29.41 0.74 17.37
C ALA A 191 27.88 0.87 17.40
N PHE A 192 27.22 -0.06 18.09
CA PHE A 192 25.75 0.02 18.25
C PHE A 192 25.45 1.17 19.20
N ARG A 193 24.43 1.97 18.87
CA ARG A 193 24.00 3.04 19.80
C ARG A 193 23.05 2.42 20.84
N ALA A 194 22.49 3.24 21.71
CA ALA A 194 21.60 2.74 22.79
C ALA A 194 20.27 2.24 22.21
N GLY A 195 19.93 0.98 22.47
CA GLY A 195 18.64 0.41 22.00
C GLY A 195 18.78 -0.31 20.69
N GLN A 196 19.85 -0.05 19.94
CA GLN A 196 20.00 -0.64 18.59
C GLN A 196 20.12 -2.17 18.69
N LYS A 197 20.93 -2.66 19.63
CA LYS A 197 21.12 -4.11 19.80
C LYS A 197 19.79 -4.78 20.17
N TYR A 198 19.05 -4.20 21.13
CA TYR A 198 17.76 -4.79 21.57
C TYR A 198 16.75 -4.77 20.41
N LEU A 199 16.71 -3.66 19.66
CA LEU A 199 15.77 -3.53 18.53
C LEU A 199 16.13 -4.54 17.43
N SER A 200 17.40 -4.55 17.03
CA SER A 200 17.87 -5.47 15.96
C SER A 200 17.58 -6.93 16.34
N GLN A 201 17.90 -7.30 17.58
CA GLN A 201 17.71 -8.70 18.02
C GLN A 201 16.22 -9.07 17.90
N ASN A 202 15.35 -8.16 18.29
CA ASN A 202 13.87 -8.41 18.24
C ASN A 202 13.43 -8.52 16.78
N VAL A 203 13.96 -7.66 15.90
CA VAL A 203 13.62 -7.73 14.45
C VAL A 203 14.12 -9.08 13.88
N TYR A 204 15.36 -9.47 14.21
CA TYR A 204 15.94 -10.74 13.70
C TYR A 204 15.11 -11.93 14.19
N SER A 205 14.70 -11.89 15.46
CA SER A 205 13.93 -13.03 16.03
C SER A 205 12.54 -13.10 15.38
N ALA A 206 11.92 -11.94 15.17
CA ALA A 206 10.58 -11.89 14.53
C ALA A 206 10.66 -12.48 13.11
N THR A 207 11.75 -12.17 12.40
CA THR A 207 11.90 -12.64 11.01
C THR A 207 12.17 -14.13 11.03
N LYS A 208 12.97 -14.61 11.99
CA LYS A 208 13.32 -16.05 12.08
C LYS A 208 12.09 -16.88 12.50
N GLN A 209 11.35 -16.44 13.51
CA GLN A 209 10.20 -17.20 14.03
C GLN A 209 8.95 -16.99 13.16
N GLY A 210 8.89 -15.89 12.41
CA GLY A 210 7.71 -15.60 11.56
C GLY A 210 6.62 -14.94 12.36
N VAL A 211 6.93 -13.84 13.04
CA VAL A 211 5.93 -13.18 13.93
C VAL A 211 5.83 -11.68 13.61
N ASP A 212 4.78 -11.03 14.13
CA ASP A 212 4.57 -9.57 13.90
C ASP A 212 5.11 -8.78 15.09
N LEU A 213 5.92 -7.76 14.82
CA LEU A 213 6.53 -6.93 15.89
C LEU A 213 6.17 -5.45 15.69
N MET A 214 5.63 -4.81 16.73
CA MET A 214 5.33 -3.36 16.65
C MET A 214 6.38 -2.63 17.48
N VAL A 215 6.96 -1.55 16.93
CA VAL A 215 8.08 -0.87 17.64
C VAL A 215 7.87 0.65 17.69
N GLU A 216 7.89 1.22 18.88
CA GLU A 216 7.87 2.70 18.98
C GLU A 216 9.29 3.10 19.38
N ALA A 217 10.06 3.63 18.44
CA ALA A 217 11.47 4.00 18.72
C ALA A 217 11.64 5.50 18.53
N ALA A 218 12.15 6.18 19.55
CA ALA A 218 12.33 7.66 19.49
C ALA A 218 13.45 8.05 18.55
N THR A 219 13.52 9.35 18.22
CA THR A 219 14.59 9.87 17.35
C THR A 219 15.93 9.65 18.00
N GLY A 220 16.93 9.22 17.23
CA GLY A 220 18.28 9.02 17.76
C GLY A 220 18.66 7.56 17.90
N ILE A 221 17.69 6.65 17.78
CA ILE A 221 17.95 5.20 17.94
C ILE A 221 18.35 4.60 16.57
N GLY A 222 17.96 5.24 15.48
CA GLY A 222 18.29 4.73 14.12
C GLY A 222 17.36 3.59 13.72
N LYS A 223 16.10 3.90 13.45
CA LYS A 223 15.09 2.86 13.11
C LYS A 223 15.40 2.19 11.77
N THR A 224 15.91 2.92 10.78
CA THR A 224 16.12 2.32 9.44
C THR A 224 17.15 1.21 9.51
N ILE A 225 18.36 1.49 10.01
CA ILE A 225 19.44 0.46 10.04
C ILE A 225 19.07 -0.63 11.04
N SER A 226 18.47 -0.26 12.16
CA SER A 226 18.13 -1.24 13.22
C SER A 226 17.06 -2.20 12.73
N THR A 227 16.36 -1.87 11.63
CA THR A 227 15.35 -2.77 11.05
C THR A 227 15.91 -3.46 9.83
N LEU A 228 16.63 -2.72 8.98
CA LEU A 228 17.13 -3.28 7.70
C LEU A 228 18.27 -4.30 7.94
N PHE A 229 19.24 -3.98 8.80
CA PHE A 229 20.42 -4.86 9.01
C PHE A 229 19.97 -6.24 9.51
N PRO A 230 19.18 -6.37 10.59
CA PRO A 230 18.73 -7.68 11.03
C PRO A 230 17.93 -8.41 9.95
N SER A 231 17.10 -7.68 9.21
CA SER A 231 16.29 -8.30 8.12
C SER A 231 17.22 -8.87 7.05
N ILE A 232 18.25 -8.13 6.66
CA ILE A 232 19.21 -8.59 5.61
C ILE A 232 20.00 -9.80 6.15
N LYS A 233 20.41 -9.76 7.42
CA LYS A 233 21.17 -10.89 8.01
C LYS A 233 20.31 -12.17 7.99
N ALA A 234 19.03 -12.04 8.29
CA ALA A 234 18.12 -13.22 8.27
C ALA A 234 18.01 -13.76 6.84
N MET A 235 18.06 -12.89 5.84
CA MET A 235 18.02 -13.34 4.42
C MET A 235 19.27 -14.20 4.12
N GLY A 236 20.43 -13.79 4.63
CA GLY A 236 21.68 -14.54 4.42
C GLY A 236 21.66 -15.88 5.14
N GLU A 237 20.74 -16.07 6.08
CA GLU A 237 20.61 -17.36 6.79
C GLU A 237 19.35 -18.11 6.31
N ASP A 238 18.83 -17.77 5.13
CA ASP A 238 17.68 -18.49 4.52
C ASP A 238 16.48 -18.49 5.47
N LEU A 239 16.11 -17.34 6.01
CA LEU A 239 14.93 -17.25 6.91
C LEU A 239 13.82 -16.46 6.19
N THR A 240 14.19 -15.70 5.15
CA THR A 240 13.20 -14.92 4.37
C THR A 240 13.71 -14.81 2.95
N ASP A 241 12.83 -14.51 2.00
CA ASP A 241 13.24 -14.49 0.56
C ASP A 241 13.20 -13.08 -0.02
N LYS A 242 12.20 -12.27 0.36
CA LYS A 242 12.09 -10.88 -0.17
C LYS A 242 11.76 -9.91 0.97
N ILE A 243 12.42 -8.75 0.99
CA ILE A 243 12.16 -7.72 2.03
C ILE A 243 11.43 -6.54 1.37
N PHE A 244 10.34 -6.09 1.98
CA PHE A 244 9.59 -4.93 1.45
C PHE A 244 9.72 -3.76 2.42
N TYR A 245 10.27 -2.64 1.95
CA TYR A 245 10.37 -1.41 2.78
C TYR A 245 9.24 -0.49 2.36
N LEU A 246 8.21 -0.37 3.19
CA LEU A 246 7.01 0.42 2.82
C LEU A 246 7.11 1.84 3.40
N THR A 247 6.82 2.85 2.57
CA THR A 247 6.89 4.26 3.01
C THR A 247 5.53 4.90 2.84
N ALA A 248 5.24 5.93 3.63
CA ALA A 248 3.97 6.67 3.53
C ALA A 248 4.12 7.87 2.62
N LYS A 249 5.37 8.32 2.41
CA LYS A 249 5.65 9.50 1.54
C LYS A 249 6.89 9.21 0.67
N SER A 250 6.92 9.76 -0.55
CA SER A 250 8.04 9.48 -1.50
C SER A 250 9.40 9.92 -0.95
N THR A 251 9.42 10.84 0.01
CA THR A 251 10.68 11.36 0.59
C THR A 251 11.36 10.32 1.47
N LEU A 252 10.61 9.41 2.09
CA LEU A 252 11.20 8.48 3.08
C LEU A 252 11.97 7.32 2.41
N LYS A 253 11.90 7.20 1.09
CA LYS A 253 12.55 6.06 0.39
C LYS A 253 14.08 6.27 0.34
N LYS A 254 14.54 7.51 0.46
CA LYS A 254 15.99 7.83 0.37
C LYS A 254 16.75 7.21 1.54
N ALA A 255 16.17 7.23 2.75
CA ALA A 255 16.84 6.68 3.94
C ALA A 255 17.24 5.22 3.71
N CYS A 256 16.34 4.42 3.11
CA CYS A 256 16.62 2.98 2.88
C CYS A 256 17.74 2.83 1.83
N ASN A 257 17.63 3.57 0.72
CA ASN A 257 18.67 3.52 -0.35
C ASN A 257 20.02 3.95 0.24
N ASP A 258 20.02 4.93 1.14
CA ASP A 258 21.27 5.45 1.75
C ASP A 258 21.94 4.37 2.59
N GLN A 259 21.17 3.67 3.43
CA GLN A 259 21.74 2.61 4.30
C GLN A 259 22.26 1.46 3.41
N LEU A 260 21.54 1.15 2.33
CA LEU A 260 21.98 0.06 1.41
C LEU A 260 23.30 0.48 0.73
N TYR A 261 23.41 1.75 0.35
CA TYR A 261 24.67 2.26 -0.29
C TYR A 261 25.83 2.08 0.68
N LEU A 262 25.62 2.41 1.95
CA LEU A 262 26.70 2.30 2.96
C LEU A 262 27.12 0.83 3.08
N MET A 263 26.15 -0.08 3.13
CA MET A 263 26.46 -1.52 3.31
C MET A 263 27.16 -2.04 2.04
N LYS A 264 26.77 -1.52 0.87
CA LYS A 264 27.47 -1.91 -0.38
C LYS A 264 28.96 -1.59 -0.20
N GLN A 265 29.27 -0.35 0.20
CA GLN A 265 30.67 0.06 0.43
C GLN A 265 31.36 -0.98 1.34
N LYS A 266 30.66 -1.48 2.36
CA LYS A 266 31.28 -2.41 3.34
C LYS A 266 31.33 -3.84 2.79
N GLY A 267 30.77 -4.10 1.60
CA GLY A 267 30.89 -5.44 0.99
C GLY A 267 29.56 -6.10 0.67
N LEU A 268 28.44 -5.45 0.99
CA LEU A 268 27.12 -6.12 0.78
C LEU A 268 26.84 -6.26 -0.71
N ILE A 269 26.56 -7.49 -1.17
CA ILE A 269 26.17 -7.72 -2.59
C ILE A 269 24.67 -7.99 -2.58
N ILE A 270 23.87 -7.02 -3.02
CA ILE A 270 22.38 -7.18 -2.94
C ILE A 270 21.71 -6.50 -4.13
N LYS A 271 20.47 -6.86 -4.41
CA LYS A 271 19.70 -6.22 -5.51
C LYS A 271 18.43 -5.62 -4.91
N SER A 272 18.24 -4.32 -5.11
CA SER A 272 17.03 -3.64 -4.59
C SER A 272 16.38 -2.83 -5.72
N VAL A 273 15.08 -2.63 -5.63
CA VAL A 273 14.39 -1.78 -6.65
C VAL A 273 13.45 -0.82 -5.90
N GLU A 274 13.37 0.42 -6.38
CA GLU A 274 12.40 1.38 -5.81
C GLU A 274 11.25 1.49 -6.82
N ILE A 275 10.03 1.15 -6.40
CA ILE A 275 8.86 1.28 -7.31
C ILE A 275 8.43 2.76 -7.36
N ILE A 276 8.30 3.32 -8.57
CA ILE A 276 7.90 4.74 -8.75
C ILE A 276 6.57 4.78 -9.50
N ALA A 277 5.65 5.64 -9.11
CA ALA A 277 4.33 5.74 -9.76
C ALA A 277 4.49 5.93 -11.27
N LYS A 278 3.53 5.43 -12.05
CA LYS A 278 3.59 5.51 -13.53
C LYS A 278 3.73 6.95 -14.00
N ASN A 279 2.95 7.86 -13.42
CA ASN A 279 2.95 9.28 -13.88
C ASN A 279 4.26 9.95 -13.48
N LYS A 280 5.13 9.24 -12.75
CA LYS A 280 6.44 9.82 -12.35
C LYS A 280 7.63 9.12 -13.06
N VAL A 281 7.48 7.92 -13.63
CA VAL A 281 8.65 7.21 -14.24
C VAL A 281 8.52 7.27 -15.76
N CYS A 282 7.37 7.71 -16.27
CA CYS A 282 7.17 7.84 -17.73
C CYS A 282 8.30 8.70 -18.29
N ILE A 283 9.14 8.15 -19.17
CA ILE A 283 10.34 8.89 -19.68
C ILE A 283 9.90 10.24 -20.28
N ASN A 284 8.89 10.23 -21.15
CA ASN A 284 8.39 11.47 -21.79
C ASN A 284 7.03 11.16 -22.44
N CYS A 294 4.33 4.09 -24.25
CA CYS A 294 3.17 4.07 -25.17
C CYS A 294 3.64 3.63 -26.56
N GLU A 295 4.75 4.17 -27.04
CA GLU A 295 5.32 3.66 -28.32
C GLU A 295 6.17 2.46 -27.93
N PHE A 296 6.55 2.40 -26.64
CA PHE A 296 7.33 1.25 -26.13
C PHE A 296 6.34 0.14 -25.81
N ALA A 297 5.05 0.49 -25.73
CA ALA A 297 3.98 -0.50 -25.44
C ALA A 297 3.94 -1.56 -26.54
N LYS A 298 4.10 -1.14 -27.79
CA LYS A 298 4.15 -2.11 -28.92
C LYS A 298 5.51 -2.81 -28.89
N GLY A 299 5.51 -4.13 -28.66
CA GLY A 299 6.79 -4.87 -28.62
C GLY A 299 7.33 -5.04 -27.22
N HIS A 300 6.78 -4.31 -26.25
CA HIS A 300 7.34 -4.36 -24.88
C HIS A 300 7.71 -5.80 -24.49
N TYR A 301 6.75 -6.71 -24.54
CA TYR A 301 6.96 -8.08 -24.02
C TYR A 301 7.92 -8.84 -24.91
N ASP A 302 8.30 -8.23 -26.01
CA ASP A 302 9.29 -8.88 -26.91
C ASP A 302 10.69 -8.38 -26.57
N ARG A 303 10.81 -7.40 -25.68
CA ARG A 303 12.14 -6.79 -25.39
C ARG A 303 12.38 -6.63 -23.89
N VAL A 304 11.34 -6.73 -23.06
CA VAL A 304 11.50 -6.43 -21.63
C VAL A 304 12.45 -7.42 -20.97
N ASN A 305 12.47 -8.67 -21.43
CA ASN A 305 13.29 -9.69 -20.75
C ASN A 305 14.78 -9.35 -20.89
N LYS A 306 15.20 -8.86 -22.07
CA LYS A 306 16.64 -8.58 -22.31
C LYS A 306 17.09 -7.37 -21.47
N CYS A 307 16.23 -6.36 -21.33
CA CYS A 307 16.56 -5.21 -20.45
C CYS A 307 16.74 -5.74 -19.03
N ILE A 308 15.85 -6.64 -18.60
CA ILE A 308 15.94 -7.23 -17.23
C ILE A 308 17.30 -7.95 -17.09
N LEU A 309 17.65 -8.79 -18.05
CA LEU A 309 18.91 -9.57 -17.95
C LEU A 309 20.10 -8.61 -17.83
N ASP A 310 20.09 -7.52 -18.60
CA ASP A 310 21.18 -6.50 -18.56
C ASP A 310 21.24 -5.88 -17.17
N MET A 311 20.10 -5.50 -16.61
CA MET A 311 20.07 -4.81 -15.30
C MET A 311 20.46 -5.78 -14.17
N LEU A 312 19.96 -7.02 -14.21
CA LEU A 312 20.28 -8.00 -13.15
C LEU A 312 21.79 -8.29 -13.17
N GLU A 313 22.38 -8.37 -14.36
CA GLU A 313 23.82 -8.68 -14.47
C GLU A 313 24.68 -7.46 -14.09
N ASN A 314 24.25 -6.25 -14.45
CA ASN A 314 25.09 -5.05 -14.23
C ASN A 314 24.50 -4.11 -13.19
N GLY A 315 23.56 -4.56 -12.38
CA GLY A 315 22.89 -3.63 -11.45
C GLY A 315 22.90 -4.10 -10.01
N ASP A 316 22.71 -3.17 -9.08
CA ASP A 316 22.66 -3.51 -7.63
C ASP A 316 21.44 -2.80 -7.04
N ILE A 317 21.65 -1.58 -6.54
CA ILE A 317 20.53 -0.76 -6.00
C ILE A 317 19.90 0.00 -7.17
N ILE A 318 18.74 -0.45 -7.64
CA ILE A 318 18.07 0.19 -8.81
C ILE A 318 17.18 1.34 -8.30
N VAL A 319 17.32 2.51 -8.90
CA VAL A 319 16.54 3.71 -8.49
C VAL A 319 15.84 4.29 -9.72
N GLU A 320 15.01 5.32 -9.55
CA GLU A 320 14.22 5.90 -10.67
C GLU A 320 15.09 6.21 -11.89
N GLU A 321 16.22 6.90 -11.69
CA GLU A 321 17.07 7.32 -12.84
C GLU A 321 17.49 6.09 -13.64
N ILE A 322 17.98 5.05 -12.97
CA ILE A 322 18.47 3.82 -13.68
C ILE A 322 17.30 3.19 -14.44
N ILE A 323 16.12 3.11 -13.81
CA ILE A 323 14.95 2.45 -14.46
C ILE A 323 14.66 3.19 -15.77
N LYS A 324 14.52 4.51 -15.69
CA LYS A 324 14.17 5.31 -16.89
C LYS A 324 15.27 5.14 -17.95
N LYS A 325 16.53 5.09 -17.53
CA LYS A 325 17.65 4.97 -18.50
C LYS A 325 17.53 3.64 -19.28
N TYR A 326 17.35 2.53 -18.57
CA TYR A 326 17.25 1.20 -19.23
C TYR A 326 15.94 1.11 -19.99
N ALA A 327 14.90 1.73 -19.44
CA ALA A 327 13.57 1.69 -20.10
C ALA A 327 13.67 2.42 -21.45
N PHE A 328 14.29 3.60 -21.45
CA PHE A 328 14.47 4.36 -22.71
C PHE A 328 15.45 3.57 -23.56
N LYS A 329 16.50 3.06 -22.93
CA LYS A 329 17.51 2.32 -23.70
C LYS A 329 16.88 1.20 -24.51
N TYR A 330 16.06 0.36 -23.87
CA TYR A 330 15.46 -0.80 -24.51
C TYR A 330 14.05 -0.53 -25.02
N ARG A 331 13.56 0.71 -24.88
CA ARG A 331 12.21 1.11 -25.34
C ARG A 331 11.14 0.22 -24.70
N VAL A 332 11.22 0.06 -23.39
CA VAL A 332 10.18 -0.73 -22.67
C VAL A 332 9.50 0.22 -21.67
N CYS A 333 8.22 -0.03 -21.40
CA CYS A 333 7.48 0.79 -20.40
C CYS A 333 8.19 0.67 -19.04
N PRO A 334 8.59 1.79 -18.41
CA PRO A 334 9.32 1.74 -17.14
C PRO A 334 8.51 1.12 -16.01
N LEU A 335 7.20 1.38 -15.98
CA LEU A 335 6.34 0.84 -14.91
C LEU A 335 6.38 -0.69 -14.97
N GLU A 336 6.03 -1.26 -16.12
CA GLU A 336 6.06 -2.71 -16.25
C GLU A 336 7.46 -3.27 -16.03
N LEU A 337 8.50 -2.48 -16.33
CA LEU A 337 9.86 -2.91 -16.07
C LEU A 337 10.09 -3.11 -14.58
N GLU A 338 9.70 -2.11 -13.77
CA GLU A 338 10.03 -2.17 -12.35
C GLU A 338 9.18 -3.20 -11.62
N LEU A 339 7.93 -3.39 -12.02
CA LEU A 339 7.15 -4.49 -11.47
C LEU A 339 7.80 -5.83 -11.74
N ASP A 340 8.43 -5.97 -12.92
CA ASP A 340 9.18 -7.18 -13.23
C ASP A 340 10.42 -7.32 -12.36
N LEU A 341 11.20 -6.24 -12.25
CA LEU A 341 12.43 -6.29 -11.46
C LEU A 341 12.15 -6.67 -10.01
N SER A 342 11.01 -6.22 -9.47
CA SER A 342 10.68 -6.56 -8.09
C SER A 342 10.52 -8.07 -7.90
N ASN A 343 10.21 -8.81 -8.96
CA ASN A 343 10.21 -10.26 -8.83
C ASN A 343 11.63 -10.79 -8.59
N PHE A 344 12.64 -10.13 -9.16
CA PHE A 344 14.01 -10.60 -9.11
C PHE A 344 14.89 -9.79 -8.16
N CYS A 345 14.30 -8.98 -7.30
CA CYS A 345 15.07 -8.19 -6.35
C CYS A 345 14.90 -8.75 -4.94
N ASP A 346 15.90 -8.47 -4.09
CA ASP A 346 15.85 -8.87 -2.69
C ASP A 346 15.06 -7.91 -1.82
N ILE A 347 15.16 -6.61 -2.08
CA ILE A 347 14.52 -5.58 -1.28
C ILE A 347 13.62 -4.74 -2.20
N VAL A 348 12.38 -4.53 -1.79
CA VAL A 348 11.43 -3.76 -2.57
C VAL A 348 11.03 -2.54 -1.75
N ILE A 349 11.39 -1.36 -2.24
CA ILE A 349 11.05 -0.09 -1.61
C ILE A 349 9.87 0.51 -2.37
N CYS A 350 8.77 0.75 -1.67
CA CYS A 350 7.54 1.17 -2.32
C CYS A 350 6.59 1.72 -1.26
N ASP A 351 5.56 2.41 -1.75
CA ASP A 351 4.52 3.02 -0.92
C ASP A 351 3.59 1.94 -0.37
N TYR A 352 2.84 2.26 0.69
CA TYR A 352 1.88 1.31 1.31
C TYR A 352 0.90 0.73 0.31
N ASN A 353 0.39 1.55 -0.61
CA ASN A 353 -0.62 1.11 -1.62
C ASN A 353 -0.23 -0.19 -2.29
N TYR A 354 1.05 -0.38 -2.60
CA TYR A 354 1.49 -1.59 -3.36
C TYR A 354 1.29 -2.85 -2.51
N VAL A 355 0.95 -2.71 -1.24
CA VAL A 355 0.64 -3.91 -0.44
C VAL A 355 -0.80 -3.91 0.03
N PHE A 356 -1.28 -2.78 0.59
CA PHE A 356 -2.59 -2.71 1.25
C PHE A 356 -3.72 -2.17 0.37
N ASP A 357 -3.43 -1.46 -0.74
CA ASP A 357 -4.54 -0.90 -1.51
C ASP A 357 -5.22 -1.98 -2.37
N PRO A 358 -6.55 -1.98 -2.44
CA PRO A 358 -7.23 -3.04 -3.20
C PRO A 358 -7.06 -2.92 -4.71
N VAL A 359 -6.66 -1.78 -5.24
CA VAL A 359 -6.56 -1.60 -6.68
C VAL A 359 -5.15 -1.86 -7.19
N VAL A 360 -4.14 -1.22 -6.58
CA VAL A 360 -2.75 -1.26 -7.14
C VAL A 360 -1.79 -2.26 -6.44
N TYR A 361 -2.29 -3.12 -5.56
CA TYR A 361 -1.38 -4.02 -4.82
C TYR A 361 -0.61 -4.91 -5.80
N LEU A 362 0.62 -5.29 -5.43
CA LEU A 362 1.42 -6.20 -6.27
C LEU A 362 0.78 -7.59 -6.28
N LYS A 363 -0.03 -7.87 -7.30
CA LYS A 363 -0.76 -9.16 -7.40
C LYS A 363 0.23 -10.33 -7.50
N ARG A 364 1.35 -10.12 -8.19
CA ARG A 364 2.37 -11.18 -8.34
C ARG A 364 2.81 -11.73 -6.97
N PHE A 365 2.70 -10.93 -5.91
CA PHE A 365 3.22 -11.40 -4.60
C PHE A 365 2.10 -11.60 -3.58
N PHE A 366 1.15 -10.68 -3.49
CA PHE A 366 0.15 -10.73 -2.39
C PHE A 366 -1.19 -11.31 -2.82
N GLU A 367 -1.17 -12.32 -3.69
CA GLU A 367 -2.41 -13.03 -4.09
C GLU A 367 -2.25 -14.47 -3.63
N VAL A 368 -1.25 -15.17 -4.18
CA VAL A 368 -0.93 -16.55 -3.72
C VAL A 368 0.59 -16.57 -3.50
N PRO A 369 1.07 -16.20 -2.29
CA PRO A 369 2.50 -16.17 -2.04
C PRO A 369 3.14 -17.54 -2.09
N TYR A 370 4.21 -17.66 -2.88
CA TYR A 370 4.99 -18.91 -2.93
C TYR A 370 6.37 -18.54 -2.42
N LEU A 371 6.44 -17.42 -1.71
CA LEU A 371 7.75 -16.93 -1.21
C LEU A 371 7.57 -16.42 0.24
N ARG A 372 8.67 -16.37 1.00
CA ARG A 372 8.60 -15.82 2.37
C ARG A 372 8.82 -14.30 2.31
N MET A 373 7.81 -13.52 2.70
CA MET A 373 7.92 -12.08 2.61
C MET A 373 7.94 -11.45 4.00
N SER A 374 8.83 -10.48 4.18
CA SER A 374 8.97 -9.73 5.43
C SER A 374 8.71 -8.26 5.16
N LEU A 375 7.71 -7.70 5.84
CA LEU A 375 7.37 -6.28 5.60
C LEU A 375 8.03 -5.39 6.66
N LEU A 376 8.63 -4.29 6.23
CA LEU A 376 9.15 -3.29 7.18
C LEU A 376 8.31 -2.03 6.92
N VAL A 377 7.33 -1.75 7.78
CA VAL A 377 6.41 -0.60 7.53
C VAL A 377 6.87 0.63 8.32
N ASP A 378 7.52 1.57 7.63
CA ASP A 378 8.03 2.82 8.28
C ASP A 378 6.89 3.82 8.50
N GLU A 379 6.95 4.57 9.62
CA GLU A 379 5.93 5.59 9.95
C GLU A 379 4.53 4.97 9.89
N ALA A 380 4.33 3.84 10.57
CA ALA A 380 3.06 3.08 10.49
C ALA A 380 1.85 3.85 11.02
N HIS A 381 2.09 4.88 11.85
CA HIS A 381 1.00 5.68 12.43
C HIS A 381 0.15 6.20 11.27
N ASN A 382 0.79 6.42 10.14
CA ASN A 382 0.12 7.00 8.98
C ASN A 382 -0.77 5.99 8.28
N LEU A 383 -0.62 4.71 8.59
CA LEU A 383 -1.42 3.72 7.91
C LEU A 383 -2.85 3.65 8.43
N VAL A 384 -3.15 4.28 9.56
CA VAL A 384 -4.52 4.21 10.06
C VAL A 384 -5.44 4.99 9.12
N SER A 385 -5.26 6.31 9.04
CA SER A 385 -6.14 7.11 8.18
C SER A 385 -6.03 6.65 6.72
N ARG A 386 -4.81 6.41 6.24
CA ARG A 386 -4.64 5.99 4.84
C ARG A 386 -5.29 4.65 4.56
N GLY A 387 -5.26 3.73 5.54
CA GLY A 387 -5.88 2.43 5.32
C GLY A 387 -7.38 2.53 5.13
N ARG A 388 -8.03 3.42 5.86
CA ARG A 388 -9.48 3.64 5.68
C ARG A 388 -9.75 4.22 4.27
N ASP A 389 -8.93 5.17 3.81
CA ASP A 389 -9.11 5.82 2.48
C ASP A 389 -9.00 4.80 1.35
N MET A 390 -8.10 3.84 1.48
CA MET A 390 -7.93 2.78 0.45
C MET A 390 -9.22 1.95 0.32
N TYR A 391 -10.01 1.79 1.39
CA TYR A 391 -11.22 0.98 1.27
C TYR A 391 -12.49 1.83 1.34
N SER A 392 -12.40 3.13 1.05
CA SER A 392 -13.56 4.01 0.98
C SER A 392 -13.64 4.61 -0.42
N TYR A 393 -14.87 4.84 -0.88
CA TYR A 393 -15.03 5.50 -2.16
C TYR A 393 -16.38 6.19 -2.24
N SER A 394 -16.52 7.08 -3.23
CA SER A 394 -17.66 7.94 -3.42
C SER A 394 -18.18 7.86 -4.85
N LEU A 395 -19.42 8.28 -5.03
CA LEU A 395 -19.99 8.57 -6.34
C LEU A 395 -20.71 9.92 -6.23
N SER A 396 -20.46 10.78 -7.23
CA SER A 396 -21.04 12.16 -7.24
C SER A 396 -22.11 12.30 -8.33
N PHE A 397 -23.29 12.81 -7.96
CA PHE A 397 -24.41 12.99 -8.91
C PHE A 397 -24.02 13.96 -10.02
N ASN A 398 -23.36 15.06 -9.65
CA ASN A 398 -23.01 16.12 -10.63
C ASN A 398 -22.13 15.55 -11.75
N GLN A 399 -21.10 14.78 -11.40
CA GLN A 399 -20.16 14.25 -12.43
C GLN A 399 -20.95 13.35 -13.39
N LEU A 400 -21.81 12.49 -12.86
CA LEU A 400 -22.60 11.56 -13.70
C LEU A 400 -23.51 12.38 -14.65
N MET A 401 -24.20 13.38 -14.11
CA MET A 401 -25.13 14.18 -14.94
C MET A 401 -24.35 15.03 -15.97
N ASP A 402 -23.18 15.51 -15.58
CA ASP A 402 -22.38 16.38 -16.50
C ASP A 402 -21.85 15.52 -17.66
N CYS A 403 -21.60 14.24 -17.42
CA CYS A 403 -21.18 13.33 -18.51
C CYS A 403 -22.38 13.09 -19.45
N CYS A 404 -23.59 13.00 -18.89
CA CYS A 404 -24.80 12.78 -19.71
C CYS A 404 -24.98 13.95 -20.71
N ASP A 405 -24.72 15.18 -20.26
CA ASP A 405 -24.95 16.38 -21.11
C ASP A 405 -23.88 16.51 -22.20
N GLU A 406 -22.93 15.60 -22.25
CA GLU A 406 -21.90 15.64 -23.33
C GLU A 406 -22.30 14.67 -24.44
N LEU A 407 -22.96 13.55 -24.07
CA LEU A 407 -23.39 12.54 -25.08
C LEU A 407 -24.33 13.21 -26.11
N VAL A 408 -24.35 12.73 -27.36
CA VAL A 408 -25.12 13.43 -28.42
C VAL A 408 -26.33 12.62 -28.94
N ASP A 409 -27.00 11.85 -28.08
CA ASP A 409 -28.24 11.12 -28.48
C ASP A 409 -27.96 10.01 -29.50
N GLU A 410 -26.70 9.80 -29.87
CA GLU A 410 -26.40 8.65 -30.77
C GLU A 410 -26.76 7.36 -30.02
N LYS A 411 -27.34 6.37 -30.72
CA LYS A 411 -27.84 5.14 -30.06
C LYS A 411 -26.88 4.66 -28.95
N LYS A 412 -25.60 4.46 -29.29
CA LYS A 412 -24.66 3.90 -28.29
C LYS A 412 -24.60 4.80 -27.07
N GLU A 413 -24.50 6.11 -27.28
CA GLU A 413 -24.35 7.06 -26.15
C GLU A 413 -25.68 7.18 -25.40
N LEU A 414 -26.80 6.87 -26.06
CA LEU A 414 -28.12 7.03 -25.40
C LEU A 414 -28.28 5.98 -24.28
N LYS A 415 -27.88 4.74 -24.55
CA LYS A 415 -27.99 3.67 -23.52
C LYS A 415 -27.08 4.03 -22.34
N ILE A 416 -25.90 4.61 -22.60
CA ILE A 416 -24.99 5.06 -21.51
C ILE A 416 -25.67 6.22 -20.77
N LYS A 417 -26.22 7.18 -21.51
CA LYS A 417 -26.88 8.36 -20.89
C LYS A 417 -28.01 7.86 -19.98
N ARG A 418 -28.70 6.82 -20.41
CA ARG A 418 -29.81 6.25 -19.61
C ARG A 418 -29.25 5.62 -18.34
N ASN A 419 -28.21 4.78 -18.48
CA ASN A 419 -27.65 4.05 -17.31
C ASN A 419 -27.09 5.04 -16.29
N LEU A 420 -26.46 6.12 -16.76
CA LEU A 420 -25.90 7.15 -15.85
C LEU A 420 -27.03 7.82 -15.07
N LYS A 421 -28.15 8.11 -15.75
CA LYS A 421 -29.29 8.80 -15.08
C LYS A 421 -29.89 7.85 -14.01
N LYS A 422 -29.93 6.56 -14.30
CA LYS A 422 -30.45 5.58 -13.30
C LYS A 422 -29.58 5.63 -12.04
N ILE A 423 -28.25 5.63 -12.20
CA ILE A 423 -27.33 5.69 -11.03
C ILE A 423 -27.56 7.01 -10.30
N ALA A 424 -27.66 8.10 -11.04
CA ALA A 424 -27.84 9.43 -10.41
C ALA A 424 -29.15 9.46 -9.61
N GLN A 425 -30.23 8.92 -10.18
CA GLN A 425 -31.55 8.95 -9.49
C GLN A 425 -31.50 8.05 -8.24
N GLN A 426 -30.80 6.92 -8.34
CA GLN A 426 -30.73 5.98 -7.19
C GLN A 426 -30.02 6.69 -6.04
N ILE A 427 -28.96 7.44 -6.32
CA ILE A 427 -28.24 8.21 -5.26
C ILE A 427 -29.22 9.23 -4.64
N LYS A 428 -29.96 9.96 -5.48
CA LYS A 428 -30.91 11.00 -4.98
C LYS A 428 -32.03 10.33 -4.16
N ASP A 429 -32.52 9.18 -4.63
CA ASP A 429 -33.59 8.46 -3.90
C ASP A 429 -33.08 8.02 -2.52
N GLU A 430 -31.85 7.50 -2.46
CA GLU A 430 -31.31 6.98 -1.18
C GLU A 430 -31.01 8.15 -0.23
N ALA A 431 -30.83 9.36 -0.78
CA ALA A 431 -30.60 10.56 0.05
C ALA A 431 -31.84 10.86 0.89
N LEU A 432 -33.04 10.62 0.32
CA LEU A 432 -34.32 10.83 1.07
C LEU A 432 -34.45 12.30 1.48
N GLY A 433 -33.99 13.23 0.63
CA GLY A 433 -34.12 14.66 0.93
C GLY A 433 -33.54 15.02 2.28
N LYS A 434 -32.52 14.27 2.73
CA LYS A 434 -31.85 14.56 4.02
C LYS A 434 -30.40 15.00 3.71
N PRO A 435 -29.89 16.06 4.38
CA PRO A 435 -28.53 16.53 4.12
C PRO A 435 -27.51 15.43 4.35
N VAL A 436 -27.76 14.60 5.38
CA VAL A 436 -26.85 13.45 5.67
C VAL A 436 -27.73 12.22 5.89
N ASN A 437 -27.46 11.13 5.17
CA ASN A 437 -28.21 9.86 5.37
C ASN A 437 -27.20 8.72 5.49
N THR A 438 -27.52 7.71 6.30
CA THR A 438 -26.60 6.58 6.50
C THR A 438 -27.34 5.27 6.27
N TYR A 439 -26.62 4.23 5.88
CA TYR A 439 -27.22 2.88 5.70
C TYR A 439 -26.16 1.85 6.12
N GLU A 440 -26.55 0.88 6.94
CA GLU A 440 -25.62 -0.18 7.38
C GLU A 440 -25.28 -1.11 6.22
N ASP A 441 -26.23 -1.37 5.32
CA ASP A 441 -26.00 -2.37 4.24
C ASP A 441 -25.77 -1.71 2.88
N LEU A 442 -25.08 -2.41 1.99
CA LEU A 442 -24.77 -1.89 0.63
C LEU A 442 -26.01 -1.96 -0.26
N SER A 443 -26.23 -0.93 -1.09
CA SER A 443 -27.39 -0.89 -2.01
C SER A 443 -27.19 -1.86 -3.17
N VAL A 444 -27.98 -2.92 -3.24
CA VAL A 444 -27.89 -3.88 -4.38
C VAL A 444 -28.27 -3.15 -5.68
N ASP A 445 -29.27 -2.27 -5.62
CA ASP A 445 -29.74 -1.56 -6.84
C ASP A 445 -28.63 -0.68 -7.41
N LEU A 446 -27.95 0.09 -6.56
CA LEU A 446 -26.87 0.99 -7.03
C LEU A 446 -25.75 0.15 -7.68
N ILE A 447 -25.40 -0.98 -7.06
CA ILE A 447 -24.33 -1.87 -7.60
C ILE A 447 -24.80 -2.39 -8.96
N ASP A 448 -26.04 -2.86 -9.04
CA ASP A 448 -26.59 -3.40 -10.31
C ASP A 448 -26.50 -2.33 -11.40
N TYR A 449 -26.91 -1.10 -11.08
CA TYR A 449 -26.92 -0.01 -12.09
C TYR A 449 -25.49 0.30 -12.53
N CYS A 450 -24.55 0.29 -11.57
CA CYS A 450 -23.13 0.59 -11.88
C CYS A 450 -22.58 -0.48 -12.83
N VAL A 451 -22.88 -1.74 -12.57
CA VAL A 451 -22.40 -2.86 -13.43
C VAL A 451 -22.96 -2.68 -14.85
N ARG A 452 -24.27 -2.47 -14.97
CA ARG A 452 -24.90 -2.32 -16.31
C ARG A 452 -24.24 -1.16 -17.05
N CYS A 453 -24.07 -0.03 -16.37
CA CYS A 453 -23.46 1.17 -17.02
C CYS A 453 -22.07 0.78 -17.54
N LYS A 454 -21.32 0.01 -16.74
CA LYS A 454 -19.94 -0.38 -17.12
C LYS A 454 -19.98 -1.17 -18.45
N GLU A 455 -20.88 -2.15 -18.54
CA GLU A 455 -21.01 -2.97 -19.78
C GLU A 455 -21.38 -2.09 -20.97
N SER A 456 -22.25 -1.09 -20.76
CA SER A 456 -22.72 -0.22 -21.87
C SER A 456 -21.59 0.68 -22.39
N MET A 457 -20.71 1.14 -21.50
CA MET A 457 -19.63 2.07 -21.90
C MET A 457 -18.46 1.31 -22.52
N THR A 458 -18.28 0.04 -22.15
CA THR A 458 -17.11 -0.72 -22.62
C THR A 458 -16.98 -0.65 -24.12
N LYS A 459 -18.01 -1.06 -24.84
CA LYS A 459 -17.91 -1.11 -26.32
C LYS A 459 -17.62 0.28 -26.91
N PHE A 460 -18.19 1.35 -26.34
CA PHE A 460 -17.99 2.73 -26.85
C PHE A 460 -16.54 3.11 -26.67
N LEU A 461 -15.97 2.73 -25.52
CA LEU A 461 -14.57 3.11 -25.21
C LEU A 461 -13.62 2.54 -26.28
N VAL A 462 -13.98 1.39 -26.85
CA VAL A 462 -13.06 0.71 -27.82
C VAL A 462 -13.28 1.28 -29.24
N GLU A 463 -14.39 1.97 -29.51
CA GLU A 463 -14.66 2.40 -30.92
C GLU A 463 -14.84 3.92 -31.09
N GLU A 464 -14.59 4.74 -30.05
CA GLU A 464 -14.89 6.19 -30.21
C GLU A 464 -13.83 7.10 -29.60
N LYS A 465 -12.55 6.72 -29.66
CA LYS A 465 -11.50 7.53 -29.01
C LYS A 465 -11.50 8.93 -29.65
N ASP A 466 -11.87 9.01 -30.94
CA ASP A 466 -11.92 10.31 -31.65
C ASP A 466 -12.90 11.26 -30.95
N LYS A 467 -14.05 10.74 -30.50
CA LYS A 467 -15.06 11.59 -29.81
C LYS A 467 -14.33 12.52 -28.86
N PRO A 468 -14.74 13.80 -28.73
CA PRO A 468 -13.98 14.73 -27.91
C PRO A 468 -14.27 14.68 -26.43
N TYR A 469 -15.32 13.96 -26.02
CA TYR A 469 -15.71 13.91 -24.59
C TYR A 469 -15.29 12.56 -24.03
N TYR A 470 -14.44 11.84 -24.76
CA TYR A 470 -14.01 10.49 -24.35
C TYR A 470 -13.37 10.55 -22.96
N ASP A 471 -12.55 11.56 -22.71
CA ASP A 471 -11.81 11.66 -21.41
C ASP A 471 -12.83 11.74 -20.27
N LYS A 472 -13.85 12.59 -20.42
CA LYS A 472 -14.90 12.73 -19.38
C LYS A 472 -15.61 11.39 -19.20
N VAL A 473 -15.89 10.67 -20.29
CA VAL A 473 -16.63 9.38 -20.18
C VAL A 473 -15.68 8.32 -19.56
N LEU A 474 -14.40 8.37 -19.88
CA LEU A 474 -13.41 7.42 -19.31
C LEU A 474 -13.34 7.61 -17.78
N ASP A 475 -13.47 8.85 -17.30
CA ASP A 475 -13.42 9.14 -15.84
C ASP A 475 -14.57 8.43 -15.10
N VAL A 476 -15.82 8.78 -15.40
CA VAL A 476 -16.96 8.15 -14.76
C VAL A 476 -16.86 6.63 -14.84
N TYR A 477 -16.26 6.11 -15.90
CA TYR A 477 -15.99 4.67 -15.98
C TYR A 477 -15.06 4.23 -14.85
N PHE A 478 -13.95 4.96 -14.66
CA PHE A 478 -12.98 4.64 -13.61
C PHE A 478 -13.63 4.73 -12.24
N GLU A 479 -14.37 5.83 -11.99
CA GLU A 479 -15.01 5.99 -10.69
C GLU A 479 -15.98 4.85 -10.38
N ILE A 480 -16.79 4.45 -11.36
CA ILE A 480 -17.77 3.39 -11.13
C ILE A 480 -17.06 2.05 -11.02
N ASN A 481 -15.99 1.85 -11.79
CA ASN A 481 -15.21 0.63 -11.65
C ASN A 481 -14.60 0.53 -10.25
N LYS A 482 -13.90 1.58 -9.81
CA LYS A 482 -13.29 1.58 -8.49
C LYS A 482 -14.34 1.48 -7.40
N PHE A 483 -15.48 2.17 -7.59
CA PHE A 483 -16.56 2.07 -6.60
C PHE A 483 -17.06 0.65 -6.48
N LEU A 484 -17.17 -0.06 -7.61
CA LEU A 484 -17.60 -1.44 -7.57
C LEU A 484 -16.57 -2.32 -6.87
N LYS A 485 -15.28 -2.02 -7.10
CA LYS A 485 -14.22 -2.82 -6.51
C LYS A 485 -14.19 -2.69 -5.01
N ILE A 486 -14.35 -1.46 -4.49
CA ILE A 486 -14.38 -1.26 -3.05
C ILE A 486 -15.62 -1.95 -2.45
N SER A 487 -16.75 -1.94 -3.16
CA SER A 487 -17.98 -2.56 -2.68
C SER A 487 -17.86 -4.06 -2.50
N ASP A 488 -16.89 -4.70 -3.15
CA ASP A 488 -16.66 -6.12 -2.97
C ASP A 488 -16.20 -6.45 -1.55
N PHE A 489 -15.67 -5.48 -0.81
CA PHE A 489 -15.19 -5.67 0.55
C PHE A 489 -16.24 -5.39 1.62
N TYR A 490 -17.40 -4.86 1.22
CA TYR A 490 -18.40 -4.37 2.18
C TYR A 490 -18.83 -5.46 3.14
N ASP A 491 -18.58 -5.24 4.44
CA ASP A 491 -19.07 -6.11 5.50
C ASP A 491 -19.46 -5.21 6.66
N ASP A 492 -19.61 -5.78 7.86
CA ASP A 492 -20.10 -5.00 9.00
C ASP A 492 -18.99 -4.18 9.68
N SER A 493 -17.88 -3.93 8.99
CA SER A 493 -16.98 -2.84 9.37
C SER A 493 -17.11 -1.66 8.41
N PHE A 494 -18.15 -1.67 7.56
CA PHE A 494 -18.44 -0.62 6.61
C PHE A 494 -19.81 -0.02 6.91
N VAL A 495 -20.04 1.20 6.41
CA VAL A 495 -21.35 1.84 6.41
C VAL A 495 -21.49 2.66 5.14
N THR A 496 -22.73 2.90 4.74
CA THR A 496 -23.02 3.84 3.67
C THR A 496 -23.32 5.20 4.28
N LEU A 497 -22.72 6.24 3.70
CA LEU A 497 -22.96 7.62 4.12
C LEU A 497 -23.26 8.44 2.87
N ILE A 498 -24.35 9.20 2.92
CA ILE A 498 -24.81 10.00 1.79
C ILE A 498 -24.93 11.44 2.27
N LYS A 499 -24.09 12.32 1.72
CA LYS A 499 -24.07 13.73 2.09
C LYS A 499 -24.72 14.54 0.97
N SER A 500 -25.66 15.41 1.35
CA SER A 500 -26.43 16.23 0.41
C SER A 500 -26.10 17.69 0.72
N GLU A 501 -25.07 18.20 0.05
CA GLU A 501 -24.57 19.54 0.29
C GLU A 501 -23.77 19.99 -0.92
N ASN A 502 -23.41 21.27 -0.92
CA ASN A 502 -22.69 21.90 -2.03
C ASN A 502 -23.33 21.57 -3.37
N ASP A 503 -24.66 21.65 -3.41
CA ASP A 503 -25.45 21.36 -4.62
C ASP A 503 -25.06 20.04 -5.26
N ASP A 504 -24.69 19.06 -4.43
CA ASP A 504 -24.30 17.74 -4.90
C ASP A 504 -24.77 16.71 -3.87
N VAL A 505 -25.02 15.52 -4.37
CA VAL A 505 -25.33 14.38 -3.47
C VAL A 505 -24.12 13.45 -3.66
N ILE A 506 -23.31 13.30 -2.62
CA ILE A 506 -22.08 12.46 -2.72
C ILE A 506 -22.39 11.13 -2.03
N TYR A 507 -22.36 10.03 -2.78
CA TYR A 507 -22.67 8.70 -2.21
C TYR A 507 -21.36 8.07 -1.77
N ASN A 508 -21.22 7.78 -0.48
CA ASN A 508 -19.92 7.28 0.00
C ASN A 508 -19.99 5.90 0.65
N ILE A 509 -19.06 5.03 0.27
CA ILE A 509 -18.92 3.72 0.97
C ILE A 509 -17.72 3.95 1.89
N MET A 510 -17.90 3.88 3.20
CA MET A 510 -16.79 4.24 4.10
C MET A 510 -16.31 3.02 4.89
N CYS A 511 -15.00 2.76 4.88
CA CYS A 511 -14.44 1.68 5.73
C CYS A 511 -14.16 2.29 7.12
N LEU A 512 -14.87 1.81 8.16
CA LEU A 512 -14.70 2.37 9.52
C LEU A 512 -13.52 1.70 10.21
N ASN A 513 -13.21 0.47 9.84
CA ASN A 513 -12.11 -0.29 10.49
C ASN A 513 -11.47 -1.24 9.48
N THR A 514 -10.15 -1.18 9.39
CA THR A 514 -9.42 -2.02 8.45
C THR A 514 -8.87 -3.29 9.09
N HIS A 515 -9.27 -3.62 10.32
CA HIS A 515 -8.63 -4.71 11.06
C HIS A 515 -8.75 -6.04 10.33
N ASN A 516 -9.95 -6.38 9.87
CA ASN A 516 -10.18 -7.67 9.23
C ASN A 516 -9.44 -7.76 7.89
N ILE A 517 -9.58 -6.73 7.05
CA ILE A 517 -8.95 -6.77 5.72
C ILE A 517 -7.43 -6.83 5.85
N PHE A 518 -6.85 -6.02 6.73
CA PHE A 518 -5.40 -5.98 6.84
C PHE A 518 -4.86 -7.27 7.44
N LYS A 519 -5.59 -7.83 8.41
CA LYS A 519 -5.18 -9.09 9.01
C LYS A 519 -5.15 -10.21 7.97
N ASN A 520 -6.17 -10.27 7.12
CA ASN A 520 -6.17 -11.28 6.06
C ASN A 520 -5.04 -11.06 5.06
N LEU A 521 -4.44 -9.88 5.04
CA LEU A 521 -3.31 -9.59 4.18
C LEU A 521 -1.98 -9.92 4.88
N LEU A 522 -1.87 -9.65 6.17
CA LEU A 522 -0.57 -9.84 6.87
C LEU A 522 -0.25 -11.32 7.09
N LYS A 523 -1.27 -12.19 7.04
CA LYS A 523 -1.07 -13.65 7.23
C LYS A 523 -0.37 -14.25 6.00
N LYS A 524 -0.39 -13.54 4.88
CA LYS A 524 0.25 -14.03 3.64
C LYS A 524 1.76 -13.76 3.73
N CYS A 525 2.19 -13.06 4.77
CA CYS A 525 3.63 -12.74 4.91
C CYS A 525 4.20 -13.58 6.06
N LYS A 526 5.50 -13.81 6.05
CA LYS A 526 6.13 -14.52 7.17
C LYS A 526 6.26 -13.54 8.35
N SER A 527 6.89 -12.39 8.11
CA SER A 527 7.14 -11.42 9.19
C SER A 527 6.56 -10.05 8.86
N ASN A 528 6.19 -9.30 9.89
CA ASN A 528 5.68 -7.94 9.74
C ASN A 528 6.21 -7.09 10.89
N VAL A 529 6.88 -5.99 10.56
CA VAL A 529 7.40 -5.08 11.58
C VAL A 529 6.82 -3.70 11.29
N PHE A 530 5.96 -3.20 12.19
CA PHE A 530 5.42 -1.84 12.14
C PHE A 530 6.18 -0.97 13.12
N PHE A 531 6.81 0.11 12.62
CA PHE A 531 7.61 0.94 13.49
C PHE A 531 7.43 2.43 13.18
N SER A 532 7.47 3.23 14.25
CA SER A 532 7.36 4.67 14.11
C SER A 532 7.88 5.30 15.39
N ALA A 533 8.19 6.59 15.31
CA ALA A 533 8.55 7.34 16.50
C ALA A 533 7.34 7.65 17.38
N THR A 534 6.13 7.60 16.81
CA THR A 534 4.89 7.97 17.50
C THR A 534 3.88 6.88 17.19
N LEU A 535 3.70 5.97 18.13
CA LEU A 535 2.90 4.77 17.91
C LEU A 535 2.15 4.37 19.17
N SER A 536 1.78 5.33 20.01
CA SER A 536 1.12 5.19 21.29
C SER A 536 -0.38 5.49 21.19
N PRO A 537 -1.21 4.66 21.83
CA PRO A 537 -0.83 3.40 22.51
C PRO A 537 -0.75 2.29 21.47
N MET A 538 0.21 1.37 21.66
CA MET A 538 0.51 0.39 20.62
C MET A 538 -0.62 -0.61 20.47
N THR A 539 -1.39 -0.85 21.53
CA THR A 539 -2.53 -1.73 21.39
C THR A 539 -3.61 -1.13 20.50
N TYR A 540 -3.76 0.19 20.47
CA TYR A 540 -4.72 0.79 19.56
C TYR A 540 -4.30 0.58 18.11
N PHE A 541 -3.06 0.94 17.78
CA PHE A 541 -2.54 0.78 16.44
C PHE A 541 -2.54 -0.67 16.00
N ALA A 542 -2.12 -1.61 16.88
CA ALA A 542 -2.15 -3.02 16.54
C ALA A 542 -3.56 -3.47 16.15
N ASP A 543 -4.54 -3.11 16.98
CA ASP A 543 -5.94 -3.43 16.68
C ASP A 543 -6.35 -2.95 15.28
N VAL A 544 -6.09 -1.66 14.96
CA VAL A 544 -6.69 -1.10 13.74
C VAL A 544 -6.00 -1.62 12.49
N LEU A 545 -4.70 -1.99 12.59
CA LEU A 545 -3.94 -2.39 11.41
C LEU A 545 -3.87 -3.90 11.25
N GLY A 546 -4.74 -4.65 11.92
CA GLY A 546 -4.87 -6.06 11.66
C GLY A 546 -3.99 -6.98 12.46
N LEU A 547 -3.07 -6.45 13.25
CA LEU A 547 -2.23 -7.31 14.11
C LEU A 547 -3.11 -7.92 15.21
N GLU A 548 -3.03 -9.22 15.42
CA GLU A 548 -3.82 -9.89 16.49
C GLU A 548 -2.84 -10.56 17.46
N LYS A 549 -1.89 -11.35 16.94
CA LYS A 549 -0.85 -11.94 17.81
C LYS A 549 0.46 -11.20 17.53
N PHE A 550 1.02 -10.53 18.53
CA PHE A 550 2.21 -9.70 18.28
C PHE A 550 3.00 -9.37 19.53
N TYR A 551 4.18 -8.81 19.33
CA TYR A 551 5.06 -8.35 20.39
C TYR A 551 5.32 -6.87 20.21
N ASN A 552 5.32 -6.13 21.34
CA ASN A 552 5.48 -4.66 21.30
C ASN A 552 6.76 -4.24 22.01
N ILE A 553 7.53 -3.36 21.38
CA ILE A 553 8.80 -2.84 21.95
C ILE A 553 8.71 -1.32 21.97
N ARG A 554 8.79 -0.71 23.15
CA ARG A 554 8.81 0.76 23.24
C ARG A 554 10.20 1.21 23.70
N LEU A 555 10.96 1.84 22.81
CA LEU A 555 12.29 2.36 23.17
C LEU A 555 12.19 3.89 23.28
N GLU A 556 12.64 4.46 24.40
CA GLU A 556 12.47 5.92 24.64
C GLU A 556 13.66 6.72 24.14
N SER A 557 13.59 8.05 24.29
CA SER A 557 14.65 8.94 23.75
C SER A 557 16.02 8.51 24.24
N PRO A 558 17.01 8.38 23.35
CA PRO A 558 18.35 8.06 23.79
C PRO A 558 19.10 9.35 24.05
N PHE A 559 18.40 10.39 24.51
CA PHE A 559 19.07 11.71 24.66
C PHE A 559 19.04 12.18 26.12
N PRO A 560 19.96 13.06 26.53
CA PRO A 560 19.98 13.59 27.89
C PRO A 560 18.71 14.33 28.28
N LYS A 561 18.14 14.01 29.45
CA LYS A 561 16.86 14.60 29.89
C LYS A 561 17.04 16.03 30.41
N GLU A 562 18.29 16.51 30.50
CA GLU A 562 18.53 17.85 31.07
C GLU A 562 18.59 18.85 29.91
N ASN A 563 18.55 18.35 28.68
CA ASN A 563 18.61 19.23 27.49
C ASN A 563 17.19 19.65 27.12
N LEU A 564 16.19 19.03 27.74
CA LEU A 564 14.79 19.30 27.46
C LEU A 564 14.09 19.77 28.72
N LYS A 565 13.31 20.84 28.59
CA LYS A 565 12.53 21.43 29.67
C LYS A 565 11.10 21.59 29.18
N VAL A 566 10.15 20.95 29.87
CA VAL A 566 8.75 20.90 29.44
C VAL A 566 7.91 21.70 30.43
N ASN A 567 7.14 22.63 29.85
CA ASN A 567 6.26 23.50 30.67
C ASN A 567 4.81 23.22 30.25
N HIS A 568 4.01 22.72 31.18
CA HIS A 568 2.57 22.53 30.91
C HIS A 568 1.88 23.83 31.31
N ILE A 569 1.05 24.37 30.42
CA ILE A 569 0.32 25.65 30.72
C ILE A 569 -1.17 25.33 30.74
N ASN A 570 -1.81 25.51 31.90
CA ASN A 570 -3.23 25.11 32.06
C ASN A 570 -4.18 26.19 31.57
N ILE A 571 -4.34 26.35 30.26
CA ILE A 571 -5.35 27.32 29.75
C ILE A 571 -6.33 26.58 28.83
N SER A 572 -7.63 26.76 29.05
CA SER A 572 -8.64 26.00 28.28
C SER A 572 -8.57 26.34 26.80
N THR A 573 -8.47 25.31 25.98
CA THR A 573 -8.55 25.56 24.55
C THR A 573 -9.81 24.93 23.95
N ARG A 574 -10.77 24.55 24.79
CA ARG A 574 -12.03 24.00 24.30
C ARG A 574 -12.69 24.99 23.34
N PHE A 575 -13.29 24.48 22.27
CA PHE A 575 -13.87 25.35 21.20
C PHE A 575 -14.70 26.51 21.76
N LYS A 576 -15.43 26.28 22.85
CA LYS A 576 -16.34 27.32 23.41
C LYS A 576 -15.56 28.37 24.20
N ASP A 577 -14.25 28.19 24.37
CA ASP A 577 -13.48 29.13 25.24
C ASP A 577 -12.34 29.77 24.45
N ARG A 578 -12.29 29.56 23.13
CA ARG A 578 -11.13 30.06 22.35
C ARG A 578 -11.12 31.59 22.27
N GLU A 579 -12.26 32.21 21.93
CA GLU A 579 -12.34 33.69 21.80
C GLU A 579 -12.06 34.34 23.15
N ASP A 580 -12.39 33.64 24.23
CA ASP A 580 -12.17 34.18 25.60
C ASP A 580 -10.73 33.99 26.05
N THR A 581 -10.03 32.95 25.58
CA THR A 581 -8.67 32.66 26.10
C THR A 581 -7.58 33.06 25.13
N LYS A 582 -7.93 33.63 23.97
CA LYS A 582 -6.90 33.93 22.93
C LYS A 582 -5.85 34.94 23.43
N TYR A 583 -6.25 35.88 24.29
CA TYR A 583 -5.29 36.94 24.74
C TYR A 583 -4.28 36.34 25.69
N LYS A 584 -4.71 35.37 26.51
CA LYS A 584 -3.78 34.67 27.40
C LYS A 584 -2.73 33.95 26.54
N ILE A 585 -3.15 33.32 25.45
CA ILE A 585 -2.20 32.63 24.53
C ILE A 585 -1.26 33.68 23.90
N ALA A 586 -1.80 34.80 23.43
CA ALA A 586 -1.00 35.84 22.77
C ALA A 586 0.06 36.38 23.73
N GLU A 587 -0.29 36.49 25.01
CA GLU A 587 0.67 36.96 26.04
C GLU A 587 1.79 35.93 26.22
N ILE A 588 1.42 34.66 26.33
CA ILE A 588 2.43 33.57 26.48
C ILE A 588 3.36 33.58 25.25
N LEU A 589 2.81 33.71 24.05
CA LEU A 589 3.63 33.65 22.82
C LEU A 589 4.54 34.88 22.73
N ARG A 590 4.05 36.05 23.17
CA ARG A 590 4.89 37.27 23.17
C ARG A 590 6.08 37.06 24.11
N LYS A 591 5.85 36.47 25.28
CA LYS A 591 6.95 36.19 26.23
C LYS A 591 7.91 35.17 25.61
N ILE A 592 7.38 34.17 24.90
CA ILE A 592 8.23 33.17 24.20
C ILE A 592 9.07 33.93 23.16
N ASN A 593 8.45 34.83 22.40
CA ASN A 593 9.15 35.60 21.32
C ASN A 593 10.39 36.31 21.89
N GLU A 594 10.36 36.69 23.17
CA GLU A 594 11.51 37.39 23.79
C GLU A 594 12.69 36.43 23.91
N LYS A 595 12.42 35.14 24.04
CA LYS A 595 13.51 34.15 24.25
C LYS A 595 14.41 34.10 23.00
N PRO A 596 15.70 33.74 23.14
CA PRO A 596 16.57 33.61 21.98
C PRO A 596 16.28 32.36 21.16
N GLY A 597 16.58 32.40 19.86
CA GLY A 597 16.39 31.25 19.00
C GLY A 597 15.05 31.30 18.27
N ASN A 598 14.88 30.32 17.39
CA ASN A 598 13.66 30.20 16.62
C ASN A 598 12.63 29.35 17.37
N LYS A 599 11.36 29.55 17.02
CA LYS A 599 10.25 28.98 17.76
C LYS A 599 9.16 28.53 16.79
N LEU A 600 8.71 27.28 16.97
CA LEU A 600 7.62 26.69 16.19
C LEU A 600 6.42 26.52 17.10
N ILE A 601 5.34 27.25 16.81
CA ILE A 601 4.11 27.17 17.58
C ILE A 601 3.06 26.47 16.72
N PHE A 602 2.49 25.38 17.25
CA PHE A 602 1.51 24.58 16.52
C PHE A 602 0.10 24.83 17.02
N PHE A 603 -0.86 24.83 16.08
CA PHE A 603 -2.27 25.04 16.35
C PHE A 603 -3.08 23.85 15.80
N PRO A 604 -4.20 23.53 16.42
CA PRO A 604 -5.03 22.45 15.87
C PRO A 604 -5.70 22.81 14.55
N SER A 605 -5.96 24.09 14.30
CA SER A 605 -6.68 24.49 13.10
C SER A 605 -6.14 25.84 12.61
N TYR A 606 -6.30 26.06 11.30
CA TYR A 606 -5.98 27.36 10.72
C TYR A 606 -6.81 28.46 11.37
N SER A 607 -8.09 28.21 11.62
CA SER A 607 -8.96 29.21 12.24
C SER A 607 -8.40 29.68 13.58
N TYR A 608 -7.84 28.77 14.35
CA TYR A 608 -7.22 29.18 15.64
C TYR A 608 -5.95 29.99 15.35
N LEU A 609 -5.17 29.56 14.37
CA LEU A 609 -3.89 30.23 14.06
C LEU A 609 -4.12 31.71 13.73
N GLU A 610 -5.03 31.99 12.80
CA GLU A 610 -5.30 33.38 12.35
C GLU A 610 -5.88 34.21 13.50
N SER A 611 -6.73 33.61 14.32
CA SER A 611 -7.35 34.35 15.46
C SER A 611 -6.25 34.82 16.43
N VAL A 612 -5.37 33.93 16.88
CA VAL A 612 -4.27 34.37 17.73
C VAL A 612 -3.34 35.30 16.95
N TYR A 613 -3.15 35.04 15.66
CA TYR A 613 -2.18 35.86 14.89
C TYR A 613 -2.64 37.31 14.91
N GLU A 614 -3.96 37.52 14.88
CA GLU A 614 -4.51 38.90 14.82
C GLU A 614 -4.11 39.68 16.06
N ILE A 615 -4.23 39.08 17.25
CA ILE A 615 -3.99 39.84 18.51
C ILE A 615 -2.52 39.73 18.95
N CYS A 616 -1.62 39.35 18.04
CA CYS A 616 -0.18 39.28 18.36
C CYS A 616 0.54 40.49 17.75
N ASP A 617 1.03 41.40 18.60
CA ASP A 617 1.68 42.63 18.11
C ASP A 617 3.18 42.40 17.95
N PHE A 618 3.57 41.32 17.28
CA PHE A 618 4.97 41.10 16.97
C PHE A 618 5.06 40.34 15.65
N ASP A 619 6.26 40.31 15.08
CA ASP A 619 6.47 39.67 13.79
C ASP A 619 6.29 38.16 13.91
N ILE A 620 5.44 37.58 13.05
CA ILE A 620 5.14 36.16 13.07
C ILE A 620 5.09 35.63 11.66
N LEU A 621 5.83 34.56 11.40
CA LEU A 621 5.77 33.83 10.14
C LEU A 621 4.69 32.76 10.25
N THR A 622 3.66 32.87 9.42
CA THR A 622 2.54 31.94 9.48
C THR A 622 2.65 30.89 8.39
N GLN A 623 1.82 29.85 8.45
CA GLN A 623 1.80 28.85 7.35
C GLN A 623 0.46 29.00 6.61
N GLU A 624 0.49 28.95 5.27
CA GLU A 624 -0.77 29.03 4.49
C GLU A 624 -1.18 27.62 4.05
N ARG A 625 -2.47 27.42 3.74
CA ARG A 625 -2.98 26.08 3.37
C ARG A 625 -2.23 25.54 2.16
N THR A 626 -2.07 26.36 1.12
CA THR A 626 -1.44 25.86 -0.10
C THR A 626 0.00 26.34 -0.14
N LEU A 627 0.94 25.39 -0.11
CA LEU A 627 2.37 25.75 -0.14
C LEU A 627 3.10 24.82 -1.12
N THR A 628 3.73 25.38 -2.15
CA THR A 628 4.46 24.58 -3.15
C THR A 628 5.74 24.07 -2.53
N ASP A 629 6.40 23.12 -3.18
CA ASP A 629 7.64 22.52 -2.62
C ASP A 629 8.68 23.62 -2.40
N MET A 630 8.85 24.49 -3.40
CA MET A 630 9.89 25.55 -3.30
C MET A 630 9.56 26.45 -2.11
N GLU A 631 8.30 26.88 -2.00
CA GLU A 631 7.88 27.76 -0.89
C GLU A 631 8.19 27.05 0.44
N ARG A 632 7.93 25.74 0.52
CA ARG A 632 8.17 24.98 1.77
C ARG A 632 9.67 25.04 2.11
N LEU A 633 10.54 24.97 1.09
CA LEU A 633 11.99 25.08 1.33
C LEU A 633 12.35 26.52 1.72
N GLU A 634 11.68 27.51 1.12
CA GLU A 634 11.92 28.93 1.53
C GLU A 634 11.53 29.12 3.00
N PHE A 635 10.38 28.60 3.42
CA PHE A 635 9.91 28.81 4.81
C PHE A 635 10.96 28.29 5.76
N LEU A 636 11.35 27.04 5.59
CA LEU A 636 12.32 26.40 6.52
C LEU A 636 13.69 27.05 6.41
N SER A 637 14.04 27.60 5.24
CA SER A 637 15.35 28.28 5.02
C SER A 637 15.46 29.50 5.94
N GLN A 638 14.34 30.21 6.14
CA GLN A 638 14.33 31.41 7.01
C GLN A 638 14.67 30.98 8.45
N PHE A 639 14.64 29.68 8.74
CA PHE A 639 15.02 29.19 10.09
C PHE A 639 16.52 29.04 10.08
N THR A 640 17.22 30.15 9.86
CA THR A 640 18.66 30.14 9.93
C THR A 640 19.11 29.95 11.37
N THR A 641 20.40 29.74 11.56
CA THR A 641 20.91 29.64 12.92
C THR A 641 21.13 31.00 13.55
N SER A 642 20.89 32.08 12.83
CA SER A 642 21.05 33.43 13.33
C SER A 642 19.77 34.25 13.29
N SER A 643 18.66 33.67 12.85
CA SER A 643 17.39 34.36 12.90
C SER A 643 16.79 34.26 14.30
N ASN A 644 15.69 34.98 14.51
CA ASN A 644 14.92 34.92 15.75
C ASN A 644 13.43 34.93 15.40
N ILE A 645 13.00 33.90 14.68
CA ILE A 645 11.68 33.88 14.05
C ILE A 645 10.74 33.00 14.86
N MET A 646 9.53 33.50 15.10
CA MET A 646 8.42 32.70 15.62
C MET A 646 7.54 32.30 14.44
N ALA A 647 7.24 31.01 14.34
CA ALA A 647 6.43 30.48 13.26
C ALA A 647 5.17 29.81 13.79
N PHE A 648 4.04 30.09 13.16
CA PHE A 648 2.77 29.46 13.49
C PHE A 648 2.49 28.35 12.48
N CYS A 649 2.26 27.14 12.99
CA CYS A 649 1.97 25.98 12.16
C CYS A 649 0.76 25.24 12.70
N VAL A 650 0.30 24.27 11.92
CA VAL A 650 -0.90 23.51 12.23
C VAL A 650 -0.51 22.09 12.61
N LEU A 651 -1.14 21.58 13.67
CA LEU A 651 -1.00 20.19 14.06
C LEU A 651 -1.33 19.28 12.89
N GLY A 652 -0.52 18.24 12.72
CA GLY A 652 -0.76 17.31 11.64
C GLY A 652 -0.49 17.86 10.26
N GLY A 653 0.10 19.05 10.17
CA GLY A 653 0.40 19.68 8.90
C GLY A 653 1.72 19.21 8.33
N VAL A 654 2.10 19.84 7.20
CA VAL A 654 3.32 19.48 6.51
C VAL A 654 4.55 19.79 7.34
N PHE A 655 4.46 20.73 8.27
CA PHE A 655 5.60 21.06 9.12
C PHE A 655 5.58 20.32 10.46
N SER A 656 4.54 19.53 10.71
CA SER A 656 4.46 18.72 11.95
C SER A 656 5.32 17.48 11.79
N GLU A 657 5.60 17.09 10.54
CA GLU A 657 6.38 15.86 10.29
C GLU A 657 7.56 16.16 9.36
N GLY A 658 8.70 15.50 9.61
CA GLY A 658 9.86 15.63 8.71
C GLY A 658 10.85 16.71 9.11
N VAL A 659 10.38 17.88 9.53
CA VAL A 659 11.34 19.00 9.76
C VAL A 659 12.53 18.50 10.57
N ASP A 660 13.75 18.80 10.09
CA ASP A 660 14.98 18.41 10.83
C ASP A 660 15.72 19.69 11.21
N LEU A 661 15.00 20.64 11.81
CA LEU A 661 15.65 21.90 12.28
C LEU A 661 16.50 21.53 13.48
N SER A 662 17.75 21.15 13.22
CA SER A 662 18.65 20.72 14.31
C SER A 662 19.47 21.91 14.83
N GLY A 663 20.11 21.73 15.97
CA GLY A 663 20.99 22.78 16.55
C GLY A 663 20.23 23.99 17.02
N ASP A 664 20.57 25.15 16.44
CA ASP A 664 19.93 26.42 16.87
C ASP A 664 18.93 26.90 15.82
N ARG A 665 18.60 26.07 14.84
CA ARG A 665 17.55 26.47 13.87
C ARG A 665 16.20 26.37 14.61
N LEU A 666 16.14 25.58 15.67
CA LEU A 666 14.90 25.49 16.49
C LEU A 666 15.27 25.27 17.95
N ASN A 667 14.71 26.10 18.82
CA ASN A 667 14.97 25.96 20.24
C ASN A 667 13.71 25.94 21.08
N THR A 668 12.54 26.27 20.52
CA THR A 668 11.30 26.32 21.27
C THR A 668 10.15 25.78 20.43
N VAL A 669 9.40 24.84 20.98
CA VAL A 669 8.18 24.33 20.36
C VAL A 669 7.03 24.48 21.34
N GLY A 670 5.91 25.00 20.84
CA GLY A 670 4.71 25.12 21.66
C GLY A 670 3.56 24.42 20.96
N ILE A 671 2.74 23.68 21.72
CA ILE A 671 1.57 22.98 21.13
C ILE A 671 0.30 23.45 21.86
N ILE A 672 -0.71 23.92 21.10
CA ILE A 672 -1.89 24.61 21.71
C ILE A 672 -3.10 23.71 22.00
N SER A 673 -3.25 22.57 21.33
CA SER A 673 -4.42 21.74 21.73
C SER A 673 -3.95 20.34 22.08
N VAL A 674 -4.90 19.42 22.34
CA VAL A 674 -4.54 18.00 22.54
C VAL A 674 -4.69 17.34 21.15
N GLY A 675 -4.90 18.16 20.12
CA GLY A 675 -4.93 17.66 18.74
C GLY A 675 -6.21 16.97 18.36
N LEU A 676 -7.27 17.08 19.17
CA LEU A 676 -8.47 16.32 18.86
C LEU A 676 -8.97 16.65 17.46
N PRO A 677 -9.29 15.64 16.64
CA PRO A 677 -9.92 15.92 15.34
C PRO A 677 -11.23 16.66 15.52
N GLY A 678 -11.54 17.51 14.55
CA GLY A 678 -12.80 18.21 14.54
C GLY A 678 -13.95 17.23 14.63
N ILE A 679 -14.88 17.47 15.55
CA ILE A 679 -16.03 16.60 15.66
C ILE A 679 -16.77 16.61 14.34
N SER A 680 -17.07 15.42 13.82
CA SER A 680 -17.61 15.32 12.47
C SER A 680 -18.41 14.03 12.36
N VAL A 681 -19.30 14.00 11.36
CA VAL A 681 -20.12 12.82 11.16
C VAL A 681 -19.27 11.62 10.78
N GLU A 682 -18.16 11.85 10.05
CA GLU A 682 -17.26 10.76 9.72
C GLU A 682 -16.65 10.18 10.99
N ASN A 683 -16.14 11.03 11.87
CA ASN A 683 -15.55 10.57 13.11
C ASN A 683 -16.59 10.07 14.10
N ASP A 684 -17.85 10.49 13.96
CA ASP A 684 -18.89 9.99 14.84
C ASP A 684 -19.30 8.57 14.48
N LEU A 685 -19.33 8.24 13.18
CA LEU A 685 -19.58 6.86 12.80
C LEU A 685 -18.45 5.95 13.26
N ILE A 686 -17.20 6.44 13.19
CA ILE A 686 -16.06 5.67 13.68
C ILE A 686 -16.15 5.49 15.19
N LYS A 687 -16.62 6.53 15.88
CA LYS A 687 -16.82 6.43 17.33
C LYS A 687 -17.91 5.42 17.67
N LYS A 688 -19.02 5.44 16.92
CA LYS A 688 -20.10 4.51 17.20
C LYS A 688 -19.73 3.07 16.86
N TYR A 689 -18.98 2.86 15.79
CA TYR A 689 -18.57 1.51 15.41
C TYR A 689 -17.75 0.87 16.53
N PHE A 690 -16.77 1.59 17.05
CA PHE A 690 -15.89 1.04 18.07
C PHE A 690 -16.60 0.91 19.41
N ASP A 691 -17.56 1.81 19.69
CA ASP A 691 -18.39 1.67 20.87
C ASP A 691 -19.16 0.35 20.85
N GLU A 692 -19.78 0.03 19.72
CA GLU A 692 -20.56 -1.18 19.55
C GLU A 692 -19.71 -2.42 19.27
N ASN A 693 -18.38 -2.29 19.37
CA ASN A 693 -17.46 -3.43 19.23
C ASN A 693 -16.49 -3.52 20.40
N GLY A 694 -16.86 -2.97 21.56
CA GLY A 694 -16.11 -3.17 22.78
C GLY A 694 -14.89 -2.28 22.95
N LYS A 695 -14.97 -1.03 22.50
CA LYS A 695 -13.82 -0.13 22.57
C LYS A 695 -14.32 1.25 22.97
N ASN A 696 -13.44 2.02 23.61
CA ASN A 696 -13.76 3.42 23.93
C ASN A 696 -13.75 4.20 22.62
N GLY A 697 -14.96 4.55 22.15
CA GLY A 697 -15.09 5.17 20.84
C GLY A 697 -14.42 6.52 20.77
N PHE A 698 -14.63 7.36 21.80
CA PHE A 698 -14.01 8.68 21.82
C PHE A 698 -12.50 8.57 21.77
N ASP A 699 -11.93 7.66 22.58
CA ASP A 699 -10.48 7.46 22.60
C ASP A 699 -9.97 6.93 21.28
N TYR A 700 -10.77 6.14 20.57
CA TYR A 700 -10.32 5.60 19.28
C TYR A 700 -10.46 6.63 18.17
N ALA A 701 -11.59 7.34 18.12
CA ALA A 701 -11.83 8.30 17.05
C ALA A 701 -11.21 9.66 17.30
N TYR A 702 -10.93 10.01 18.56
CA TYR A 702 -10.51 11.38 18.84
C TYR A 702 -9.24 11.48 19.67
N VAL A 703 -9.21 10.87 20.85
CA VAL A 703 -8.06 11.05 21.75
C VAL A 703 -6.80 10.48 21.11
N TYR A 704 -6.82 9.19 20.75
CA TYR A 704 -5.60 8.55 20.27
C TYR A 704 -5.05 9.21 19.00
N PRO A 705 -5.85 9.49 17.96
CA PRO A 705 -5.25 10.23 16.83
C PRO A 705 -4.79 11.62 17.24
N GLY A 706 -5.56 12.30 18.07
CA GLY A 706 -5.17 13.59 18.59
C GLY A 706 -3.82 13.61 19.27
N MET A 707 -3.66 12.80 20.32
CA MET A 707 -2.42 12.82 21.10
C MET A 707 -1.23 12.38 20.27
N ASN A 708 -1.46 11.49 19.31
CA ASN A 708 -0.40 11.07 18.41
C ASN A 708 0.09 12.23 17.55
N LYS A 709 -0.78 13.19 17.24
CA LYS A 709 -0.35 14.39 16.46
C LYS A 709 0.48 15.29 17.38
N VAL A 710 0.05 15.47 18.63
CA VAL A 710 0.89 16.19 19.58
C VAL A 710 2.27 15.56 19.60
N HIS A 711 2.32 14.23 19.78
CA HIS A 711 3.58 13.48 19.79
C HIS A 711 4.42 13.80 18.55
N GLN A 712 3.80 13.87 17.37
CA GLN A 712 4.55 14.17 16.15
C GLN A 712 5.20 15.54 16.24
N ALA A 713 4.40 16.57 16.53
CA ALA A 713 4.88 17.95 16.49
C ALA A 713 5.95 18.23 17.54
N GLY A 714 5.77 17.70 18.75
CA GLY A 714 6.74 17.96 19.80
C GLY A 714 8.12 17.40 19.48
N GLY A 715 8.16 16.29 18.74
CA GLY A 715 9.42 15.66 18.37
C GLY A 715 10.24 16.46 17.38
N ARG A 716 9.72 17.58 16.89
CA ARG A 716 10.51 18.47 16.04
C ARG A 716 11.63 19.15 16.81
N LEU A 717 11.62 19.09 18.14
CA LEU A 717 12.47 19.94 18.98
C LEU A 717 13.87 19.37 19.19
N ILE A 718 13.96 18.23 19.88
CA ILE A 718 15.27 17.61 20.20
C ILE A 718 15.57 16.56 19.11
N ARG A 719 16.56 16.83 18.26
CA ARG A 719 16.86 15.92 17.13
C ARG A 719 18.24 15.28 17.31
N THR A 720 19.10 15.89 18.13
CA THR A 720 20.46 15.37 18.38
C THR A 720 20.67 15.32 19.86
N ASP A 721 21.64 14.53 20.32
CA ASP A 721 21.94 14.54 21.74
C ASP A 721 22.64 15.82 22.20
N THR A 722 22.99 16.72 21.29
CA THR A 722 23.48 18.04 21.66
C THR A 722 22.37 19.09 21.67
N ASP A 723 21.28 18.85 20.95
CA ASP A 723 20.20 19.83 20.85
C ASP A 723 19.53 20.03 22.21
N THR A 724 19.24 21.29 22.54
CA THR A 724 18.53 21.65 23.75
C THR A 724 17.33 22.51 23.38
N GLY A 725 16.34 22.56 24.27
CA GLY A 725 15.17 23.34 23.95
C GLY A 725 14.12 23.30 25.04
N GLU A 726 13.01 23.99 24.75
CA GLU A 726 11.86 24.10 25.63
C GLU A 726 10.60 23.68 24.88
N LEU A 727 9.75 22.92 25.57
CA LEU A 727 8.48 22.49 24.97
C LEU A 727 7.34 23.10 25.81
N PHE A 728 6.35 23.68 25.13
CA PHE A 728 5.20 24.29 25.85
C PHE A 728 3.96 23.54 25.48
N LEU A 729 3.36 22.87 26.47
CA LEU A 729 2.09 22.14 26.23
C LEU A 729 0.97 23.02 26.79
N ILE A 730 0.16 23.62 25.92
CA ILE A 730 -0.86 24.60 26.42
C ILE A 730 -2.27 24.01 26.32
N ASP A 731 -2.73 23.30 27.35
CA ASP A 731 -4.12 22.74 27.38
C ASP A 731 -4.34 22.10 28.75
N ASP A 732 -5.43 22.46 29.44
CA ASP A 732 -5.64 21.93 30.82
C ASP A 732 -5.83 20.42 30.73
N ARG A 733 -6.07 19.90 29.53
CA ARG A 733 -6.34 18.45 29.37
C ARG A 733 -5.02 17.66 29.42
N PHE A 734 -3.88 18.34 29.25
CA PHE A 734 -2.56 17.65 29.28
C PHE A 734 -2.28 17.12 30.68
N ASP A 735 -3.03 17.60 31.69
CA ASP A 735 -2.86 17.10 33.08
C ASP A 735 -4.12 16.32 33.49
N SER A 736 -4.93 15.93 32.51
CA SER A 736 -6.13 15.10 32.79
C SER A 736 -5.98 13.74 32.08
N TYR A 737 -6.75 12.73 32.51
CA TYR A 737 -6.70 11.41 31.85
C TYR A 737 -7.75 11.39 30.77
N PRO A 738 -7.47 10.84 29.56
CA PRO A 738 -6.31 10.00 29.35
C PRO A 738 -5.09 10.64 28.70
N TYR A 739 -5.11 11.95 28.49
CA TYR A 739 -4.03 12.65 27.74
C TYR A 739 -2.67 12.52 28.41
N LYS A 740 -2.61 12.64 29.74
CA LYS A 740 -1.30 12.63 30.45
C LYS A 740 -0.61 11.28 30.23
N SER A 741 -1.38 10.19 30.19
CA SER A 741 -0.84 8.83 29.98
C SER A 741 -0.32 8.68 28.53
N LEU A 742 -0.87 9.46 27.60
CA LEU A 742 -0.50 9.34 26.17
C LEU A 742 0.69 10.26 25.87
N LEU A 743 1.04 11.12 26.82
CA LEU A 743 2.20 12.01 26.64
C LEU A 743 3.49 11.22 26.80
N PRO A 744 4.53 11.51 26.01
CA PRO A 744 5.83 10.88 26.22
C PRO A 744 6.38 11.10 27.62
N ASN A 745 7.07 10.11 28.17
CA ASN A 745 7.59 10.19 29.56
C ASN A 745 8.50 11.39 29.76
N SER A 746 9.33 11.69 28.75
CA SER A 746 10.25 12.85 28.84
C SER A 746 9.46 14.18 28.84
N TRP A 747 8.19 14.17 28.43
CA TRP A 747 7.43 15.43 28.30
C TRP A 747 6.50 15.61 29.50
N LYS A 748 6.73 14.87 30.56
CA LYS A 748 5.80 14.90 31.72
C LYS A 748 6.62 15.03 33.00
#